data_9BGU
#
_entry.id   9BGU
#
_cell.length_a   1.00
_cell.length_b   1.00
_cell.length_c   1.00
_cell.angle_alpha   90.00
_cell.angle_beta   90.00
_cell.angle_gamma   90.00
#
_symmetry.space_group_name_H-M   'P 1'
#
_entity_poly.entity_id   1
_entity_poly.type   'polypeptide(L)'
_entity_poly.pdbx_seq_one_letter_code
;MKRFFNRFYLDTGIIADPSQRSLASRVSAFLVQGAVAFSLLGTIGVDTSPLIAAAGVTGATIVFACKDFGTNFVASIVLS
GQQSIRTGNLVCIGTGLNVVKGKVVDWDTRYLYLRSSEGHLLHVPNNMVLNSVVTWEQEKKQNPHETDLPKQDVVKAPGD
NAAKQSNSLEVLFQ
;
_entity_poly.pdbx_strand_id   A,B,C,D,E,F,G
#
# COMPACT_ATOMS: atom_id res chain seq x y z
N MET A 1 4.76 -29.45 22.94
CA MET A 1 4.04 -28.48 22.12
C MET A 1 4.44 -28.59 20.66
N LYS A 2 5.71 -28.93 20.43
CA LYS A 2 6.18 -29.16 19.07
C LYS A 2 5.45 -30.34 18.43
N ARG A 3 5.24 -31.41 19.19
CA ARG A 3 4.48 -32.54 18.67
C ARG A 3 3.05 -32.15 18.34
N PHE A 4 2.42 -31.35 19.20
CA PHE A 4 1.06 -30.91 18.92
C PHE A 4 0.99 -30.06 17.66
N PHE A 5 1.93 -29.13 17.50
CA PHE A 5 1.95 -28.30 16.30
C PHE A 5 2.20 -29.12 15.05
N ASN A 6 3.11 -30.09 15.13
CA ASN A 6 3.39 -30.96 13.99
C ASN A 6 2.15 -31.77 13.61
N ARG A 7 1.45 -32.32 14.61
CA ARG A 7 0.23 -33.07 14.33
C ARG A 7 -0.84 -32.18 13.72
N PHE A 8 -0.97 -30.95 14.22
CA PHE A 8 -1.95 -30.02 13.66
C PHE A 8 -1.64 -29.71 12.21
N TYR A 9 -0.38 -29.39 11.91
CA TYR A 9 0.01 -29.07 10.53
C TYR A 9 -0.18 -30.25 9.60
N LEU A 10 0.16 -31.46 10.08
CA LEU A 10 -0.03 -32.65 9.25
C LEU A 10 -1.49 -32.92 8.99
N ASP A 11 -2.34 -32.75 10.02
CA ASP A 11 -3.77 -33.04 9.86
C ASP A 11 -4.44 -32.05 8.92
N THR A 12 -4.18 -30.75 9.10
CA THR A 12 -4.80 -29.76 8.24
C THR A 12 -4.16 -29.72 6.85
N GLY A 13 -3.00 -30.34 6.67
CA GLY A 13 -2.37 -30.36 5.36
C GLY A 13 -1.76 -29.05 4.92
N ILE A 14 -1.57 -28.11 5.85
CA ILE A 14 -0.96 -26.83 5.48
C ILE A 14 0.46 -27.04 4.99
N ILE A 15 1.23 -27.86 5.70
CA ILE A 15 2.61 -28.16 5.35
C ILE A 15 2.75 -29.67 5.21
N ALA A 16 3.29 -30.11 4.07
CA ALA A 16 3.50 -31.53 3.81
C ALA A 16 4.96 -31.95 3.88
N ASP A 17 5.89 -31.04 3.66
CA ASP A 17 7.31 -31.37 3.74
C ASP A 17 7.70 -31.58 5.19
N PRO A 18 8.29 -32.73 5.56
CA PRO A 18 8.65 -32.94 6.97
C PRO A 18 9.60 -31.90 7.54
N SER A 19 10.57 -31.45 6.74
CA SER A 19 11.52 -30.45 7.24
C SER A 19 10.84 -29.11 7.50
N GLN A 20 10.04 -28.65 6.53
CA GLN A 20 9.31 -27.40 6.72
C GLN A 20 8.32 -27.51 7.86
N ARG A 21 7.65 -28.66 7.98
CA ARG A 21 6.70 -28.86 9.08
C ARG A 21 7.41 -28.81 10.42
N SER A 22 8.57 -29.45 10.54
CA SER A 22 9.32 -29.43 11.80
C SER A 22 9.78 -28.02 12.13
N LEU A 23 10.29 -27.29 11.13
CA LEU A 23 10.75 -25.92 11.38
C LEU A 23 9.59 -25.03 11.82
N ALA A 24 8.44 -25.15 11.16
CA ALA A 24 7.29 -24.35 11.54
C ALA A 24 6.77 -24.72 12.92
N SER A 25 6.79 -26.01 13.25
CA SER A 25 6.37 -26.42 14.59
C SER A 25 7.29 -25.84 15.66
N ARG A 26 8.61 -25.87 15.41
CA ARG A 26 9.55 -25.30 16.36
C ARG A 26 9.33 -23.80 16.51
N VAL A 27 9.11 -23.09 15.39
CA VAL A 27 8.91 -21.65 15.45
C VAL A 27 7.63 -21.33 16.23
N SER A 28 6.55 -22.06 15.96
CA SER A 28 5.29 -21.81 16.65
C SER A 28 5.40 -22.11 18.14
N ALA A 29 6.07 -23.21 18.49
CA ALA A 29 6.24 -23.53 19.91
C ALA A 29 7.07 -22.46 20.61
N PHE A 30 8.14 -21.98 19.97
CA PHE A 30 8.94 -20.92 20.57
C PHE A 30 8.12 -19.65 20.75
N LEU A 31 7.32 -19.28 19.75
CA LEU A 31 6.51 -18.08 19.86
C LEU A 31 5.48 -18.19 20.98
N VAL A 32 4.83 -19.34 21.09
CA VAL A 32 3.82 -19.51 22.14
C VAL A 32 4.47 -19.50 23.51
N GLN A 33 5.63 -20.16 23.65
CA GLN A 33 6.34 -20.15 24.93
C GLN A 33 6.77 -18.73 25.30
N GLY A 34 7.25 -17.97 24.32
CA GLY A 34 7.63 -16.59 24.60
C GLY A 34 6.45 -15.73 25.01
N ALA A 35 5.30 -15.91 24.35
CA ALA A 35 4.12 -15.16 24.73
C ALA A 35 3.66 -15.51 26.14
N VAL A 36 3.69 -16.80 26.49
CA VAL A 36 3.29 -17.22 27.83
C VAL A 36 4.25 -16.64 28.88
N ALA A 37 5.55 -16.69 28.59
CA ALA A 37 6.53 -16.15 29.52
C ALA A 37 6.36 -14.64 29.70
N PHE A 38 6.10 -13.93 28.60
CA PHE A 38 5.86 -12.49 28.71
C PHE A 38 4.62 -12.17 29.51
N SER A 39 3.55 -12.95 29.32
CA SER A 39 2.34 -12.75 30.10
C SER A 39 2.60 -13.00 31.59
N LEU A 40 3.33 -14.07 31.90
CA LEU A 40 3.64 -14.36 33.30
C LEU A 40 4.49 -13.26 33.92
N LEU A 41 5.47 -12.75 33.16
CA LEU A 41 6.31 -11.67 33.66
C LEU A 41 5.50 -10.40 33.89
N GLY A 42 4.58 -10.09 32.98
CA GLY A 42 3.74 -8.91 33.16
C GLY A 42 2.71 -9.05 34.27
N THR A 43 2.34 -10.29 34.62
CA THR A 43 1.37 -10.48 35.70
C THR A 43 1.94 -10.03 37.03
N ILE A 44 3.20 -10.38 37.32
CA ILE A 44 3.78 -10.08 38.64
C ILE A 44 4.14 -8.61 38.79
N GLY A 45 4.19 -7.85 37.71
CA GLY A 45 4.43 -6.42 37.84
C GLY A 45 5.44 -5.84 36.86
N VAL A 46 6.17 -6.70 36.16
CA VAL A 46 7.19 -6.22 35.23
C VAL A 46 6.51 -5.53 34.05
N ASP A 47 7.01 -4.35 33.69
CA ASP A 47 6.45 -3.59 32.57
C ASP A 47 6.89 -4.25 31.27
N THR A 48 5.96 -4.90 30.59
CA THR A 48 6.26 -5.64 29.37
C THR A 48 5.95 -4.85 28.10
N SER A 49 5.60 -3.57 28.23
CA SER A 49 5.30 -2.76 27.06
C SER A 49 6.49 -2.61 26.11
N PRO A 50 7.72 -2.28 26.57
CA PRO A 50 8.84 -2.22 25.61
C PRO A 50 9.11 -3.55 24.93
N LEU A 51 9.02 -4.66 25.66
CA LEU A 51 9.24 -5.96 25.06
C LEU A 51 8.18 -6.26 24.01
N ILE A 52 6.92 -5.95 24.30
CA ILE A 52 5.84 -6.16 23.35
C ILE A 52 6.07 -5.32 22.10
N ALA A 53 6.46 -4.05 22.28
CA ALA A 53 6.70 -3.18 21.14
C ALA A 53 7.85 -3.69 20.28
N ALA A 54 8.96 -4.11 20.91
CA ALA A 54 10.08 -4.63 20.14
C ALA A 54 9.71 -5.91 19.40
N ALA A 55 9.00 -6.81 20.06
CA ALA A 55 8.58 -8.05 19.41
C ALA A 55 7.65 -7.77 18.24
N GLY A 56 6.72 -6.82 18.42
CA GLY A 56 5.83 -6.47 17.33
C GLY A 56 6.55 -5.85 16.15
N VAL A 57 7.52 -4.97 16.41
CA VAL A 57 8.29 -4.37 15.33
C VAL A 57 9.09 -5.42 14.59
N THR A 58 9.75 -6.33 15.33
CA THR A 58 10.51 -7.39 14.68
C THR A 58 9.62 -8.31 13.86
N GLY A 59 8.45 -8.67 14.39
CA GLY A 59 7.53 -9.50 13.65
C GLY A 59 7.01 -8.83 12.40
N ALA A 60 6.70 -7.54 12.49
CA ALA A 60 6.25 -6.79 11.31
C ALA A 60 7.35 -6.73 10.26
N THR A 61 8.60 -6.51 10.69
CA THR A 61 9.72 -6.51 9.74
C THR A 61 9.86 -7.85 9.05
N ILE A 62 9.78 -8.94 9.81
CA ILE A 62 9.94 -10.27 9.23
C ILE A 62 8.80 -10.57 8.27
N VAL A 63 7.57 -10.20 8.64
CA VAL A 63 6.41 -10.46 7.78
C VAL A 63 6.51 -9.67 6.49
N PHE A 64 6.86 -8.38 6.60
CA PHE A 64 6.94 -7.55 5.41
C PHE A 64 8.09 -7.95 4.50
N ALA A 65 9.19 -8.46 5.08
CA ALA A 65 10.32 -8.89 4.27
C ALA A 65 10.03 -10.17 3.52
N CYS A 66 9.25 -11.09 4.11
CA CYS A 66 8.93 -12.37 3.50
C CYS A 66 7.56 -12.38 2.84
N LYS A 67 7.10 -11.22 2.36
CA LYS A 67 5.77 -11.12 1.78
C LYS A 67 5.64 -12.01 0.54
N ASP A 68 6.64 -11.96 -0.34
CA ASP A 68 6.58 -12.76 -1.56
C ASP A 68 6.60 -14.24 -1.26
N PHE A 69 7.46 -14.67 -0.32
CA PHE A 69 7.52 -16.08 0.05
C PHE A 69 6.19 -16.55 0.65
N GLY A 70 5.61 -15.75 1.55
CA GLY A 70 4.35 -16.12 2.13
C GLY A 70 3.22 -16.19 1.11
N THR A 71 3.19 -15.23 0.19
CA THR A 71 2.18 -15.23 -0.86
C THR A 71 2.32 -16.46 -1.75
N ASN A 72 3.55 -16.81 -2.12
CA ASN A 72 3.77 -18.01 -2.94
C ASN A 72 3.35 -19.27 -2.20
N PHE A 73 3.66 -19.35 -0.90
CA PHE A 73 3.26 -20.52 -0.12
C PHE A 73 1.75 -20.64 -0.05
N VAL A 74 1.05 -19.53 0.19
CA VAL A 74 -0.41 -19.56 0.25
C VAL A 74 -1.00 -19.91 -1.11
N ALA A 75 -0.39 -19.41 -2.19
CA ALA A 75 -0.86 -19.75 -3.53
C ALA A 75 -0.70 -21.25 -3.80
N SER A 76 0.43 -21.82 -3.38
CA SER A 76 0.63 -23.26 -3.53
C SER A 76 -0.40 -24.04 -2.71
N ILE A 77 -0.69 -23.56 -1.50
CA ILE A 77 -1.68 -24.24 -0.65
C ILE A 77 -3.05 -24.22 -1.33
N VAL A 78 -3.44 -23.07 -1.87
CA VAL A 78 -4.76 -22.94 -2.48
C VAL A 78 -4.85 -23.74 -3.76
N LEU A 79 -3.82 -23.69 -4.61
CA LEU A 79 -3.87 -24.32 -5.92
C LEU A 79 -3.80 -25.84 -5.86
N SER A 80 -3.52 -26.42 -4.68
CA SER A 80 -3.44 -27.87 -4.57
C SER A 80 -4.80 -28.50 -4.85
N GLY A 81 -4.81 -29.57 -5.64
CA GLY A 81 -6.02 -30.26 -6.00
C GLY A 81 -6.66 -29.80 -7.29
N GLN A 82 -6.14 -28.75 -7.90
CA GLN A 82 -6.69 -28.26 -9.16
C GLN A 82 -6.56 -29.31 -10.25
N GLN A 83 -7.65 -29.53 -10.99
CA GLN A 83 -7.65 -30.54 -12.04
C GLN A 83 -6.85 -30.11 -13.27
N SER A 84 -6.84 -28.81 -13.58
CA SER A 84 -6.11 -28.34 -14.76
C SER A 84 -4.61 -28.52 -14.61
N ILE A 85 -4.09 -28.41 -13.39
CA ILE A 85 -2.65 -28.53 -13.14
C ILE A 85 -2.41 -29.96 -12.68
N ARG A 86 -2.08 -30.83 -13.62
CA ARG A 86 -1.74 -32.21 -13.34
C ARG A 86 -0.57 -32.62 -14.22
N THR A 87 0.13 -33.67 -13.78
CA THR A 87 1.29 -34.16 -14.52
C THR A 87 0.87 -34.62 -15.91
N GLY A 88 1.61 -34.20 -16.92
CA GLY A 88 1.32 -34.55 -18.29
C GLY A 88 0.27 -33.69 -18.97
N ASN A 89 -0.24 -32.66 -18.30
CA ASN A 89 -1.27 -31.79 -18.86
C ASN A 89 -0.62 -30.58 -19.51
N LEU A 90 -1.02 -30.29 -20.74
CA LEU A 90 -0.51 -29.14 -21.48
C LEU A 90 -1.34 -27.92 -21.11
N VAL A 91 -0.71 -26.94 -20.46
CA VAL A 91 -1.40 -25.76 -19.97
C VAL A 91 -0.69 -24.52 -20.48
N CYS A 92 -1.43 -23.42 -20.54
CA CYS A 92 -0.92 -22.13 -20.97
C CYS A 92 -1.30 -21.09 -19.93
N ILE A 93 -0.31 -20.32 -19.47
CA ILE A 93 -0.50 -19.34 -18.41
C ILE A 93 -0.16 -17.96 -18.95
N GLY A 94 -1.05 -17.00 -18.70
CA GLY A 94 -0.85 -15.64 -19.12
C GLY A 94 -1.65 -15.28 -20.37
N THR A 95 -1.74 -13.98 -20.62
CA THR A 95 -2.45 -13.45 -21.77
C THR A 95 -1.60 -12.37 -22.43
N GLY A 96 -1.62 -12.34 -23.77
CA GLY A 96 -0.88 -11.35 -24.51
C GLY A 96 0.59 -11.70 -24.70
N LEU A 97 1.46 -10.69 -24.62
CA LEU A 97 2.89 -10.93 -24.78
C LEU A 97 3.44 -11.78 -23.64
N ASN A 98 2.97 -11.53 -22.41
CA ASN A 98 3.43 -12.28 -21.24
C ASN A 98 2.66 -13.59 -21.15
N VAL A 99 3.05 -14.54 -22.00
CA VAL A 99 2.41 -15.84 -22.08
C VAL A 99 3.44 -16.92 -21.86
N VAL A 100 3.00 -18.03 -21.25
CA VAL A 100 3.86 -19.17 -20.93
C VAL A 100 3.12 -20.43 -21.34
N LYS A 101 3.79 -21.30 -22.11
CA LYS A 101 3.21 -22.53 -22.60
C LYS A 101 4.13 -23.70 -22.28
N GLY A 102 3.53 -24.82 -21.86
CA GLY A 102 4.30 -26.00 -21.57
C GLY A 102 3.41 -27.08 -20.98
N LYS A 103 4.04 -28.22 -20.71
CA LYS A 103 3.38 -29.37 -20.10
C LYS A 103 3.86 -29.54 -18.67
N VAL A 104 2.93 -29.74 -17.74
CA VAL A 104 3.28 -29.88 -16.34
C VAL A 104 4.03 -31.18 -16.13
N VAL A 105 5.21 -31.11 -15.52
CA VAL A 105 6.03 -32.27 -15.23
C VAL A 105 6.19 -32.49 -13.74
N ASP A 106 6.34 -31.42 -12.96
CA ASP A 106 6.52 -31.54 -11.52
C ASP A 106 5.93 -30.30 -10.87
N TRP A 107 5.46 -30.47 -9.63
CA TRP A 107 4.87 -29.40 -8.85
C TRP A 107 5.64 -29.21 -7.55
N ASP A 108 5.83 -27.96 -7.16
CA ASP A 108 6.56 -27.60 -5.95
C ASP A 108 5.76 -26.55 -5.18
N THR A 109 6.19 -26.28 -3.95
CA THR A 109 5.56 -25.29 -3.11
C THR A 109 5.99 -23.87 -3.43
N ARG A 110 6.94 -23.69 -4.36
CA ARG A 110 7.43 -22.35 -4.69
C ARG A 110 7.32 -22.11 -6.19
N TYR A 111 7.51 -23.16 -6.99
CA TYR A 111 7.52 -23.04 -8.44
C TYR A 111 6.61 -24.09 -9.07
N LEU A 112 6.14 -23.80 -10.27
CA LEU A 112 5.43 -24.75 -11.11
C LEU A 112 6.28 -25.03 -12.35
N TYR A 113 6.57 -26.29 -12.59
CA TYR A 113 7.51 -26.69 -13.64
C TYR A 113 6.76 -27.10 -14.89
N LEU A 114 7.13 -26.52 -16.03
CA LEU A 114 6.55 -26.83 -17.31
C LEU A 114 7.66 -27.18 -18.31
N ARG A 115 7.35 -28.05 -19.25
CA ARG A 115 8.28 -28.47 -20.28
C ARG A 115 7.84 -27.87 -21.61
N SER A 116 8.71 -27.07 -22.22
CA SER A 116 8.39 -26.39 -23.46
C SER A 116 8.51 -27.35 -24.64
N SER A 117 8.19 -26.85 -25.83
CA SER A 117 8.31 -27.66 -27.04
C SER A 117 9.77 -28.00 -27.31
N GLU A 118 10.67 -27.05 -27.08
CA GLU A 118 12.11 -27.29 -27.29
C GLU A 118 12.75 -28.07 -26.16
N GLY A 119 12.04 -28.31 -25.06
CA GLY A 119 12.57 -29.04 -23.94
C GLY A 119 13.04 -28.19 -22.78
N HIS A 120 12.90 -26.88 -22.86
CA HIS A 120 13.31 -26.00 -21.77
C HIS A 120 12.37 -26.17 -20.58
N LEU A 121 12.93 -26.00 -19.38
CA LEU A 121 12.17 -26.11 -18.14
C LEU A 121 11.75 -24.71 -17.69
N LEU A 122 10.45 -24.51 -17.51
CA LEU A 122 9.90 -23.22 -17.13
C LEU A 122 9.50 -23.25 -15.67
N HIS A 123 9.92 -22.23 -14.92
CA HIS A 123 9.62 -22.12 -13.49
C HIS A 123 8.64 -20.97 -13.31
N VAL A 124 7.36 -21.30 -13.17
CA VAL A 124 6.30 -20.32 -13.01
C VAL A 124 5.92 -20.27 -11.54
N PRO A 125 6.05 -19.12 -10.87
CA PRO A 125 5.65 -19.04 -9.46
C PRO A 125 4.15 -19.27 -9.30
N ASN A 126 3.78 -19.85 -8.14
CA ASN A 126 2.38 -20.12 -7.87
C ASN A 126 1.58 -18.83 -7.76
N ASN A 127 2.20 -17.75 -7.31
CA ASN A 127 1.53 -16.46 -7.28
C ASN A 127 1.15 -16.01 -8.69
N MET A 128 2.05 -16.21 -9.65
CA MET A 128 1.73 -15.89 -11.04
C MET A 128 0.62 -16.79 -11.57
N VAL A 129 0.57 -18.04 -11.11
CA VAL A 129 -0.46 -18.97 -11.57
C VAL A 129 -1.83 -18.56 -11.05
N LEU A 130 -1.90 -18.13 -9.78
CA LEU A 130 -3.20 -17.81 -9.19
C LEU A 130 -3.87 -16.63 -9.90
N ASN A 131 -3.15 -15.52 -10.03
CA ASN A 131 -3.72 -14.31 -10.64
C ASN A 131 -3.38 -14.20 -12.12
N SER A 132 -3.79 -15.21 -12.89
CA SER A 132 -3.61 -15.20 -14.34
C SER A 132 -4.62 -16.14 -14.97
N VAL A 133 -4.84 -15.94 -16.27
CA VAL A 133 -5.73 -16.83 -17.01
C VAL A 133 -4.98 -18.10 -17.37
N VAL A 134 -5.57 -19.24 -17.02
CA VAL A 134 -4.97 -20.54 -17.28
C VAL A 134 -5.74 -21.19 -18.42
N THR A 135 -5.03 -21.58 -19.48
CA THR A 135 -5.62 -22.24 -20.64
C THR A 135 -5.16 -23.69 -20.65
N TRP A 136 -6.11 -24.61 -20.61
CA TRP A 136 -5.82 -26.04 -20.60
C TRP A 136 -6.51 -26.69 -21.80
N GLU A 137 -5.72 -27.44 -22.57
CA GLU A 137 -6.25 -28.13 -23.76
C GLU A 137 -7.06 -29.35 -23.35
N MET B 1 -21.88 -23.78 19.29
CA MET B 1 -21.50 -22.55 18.59
C MET B 1 -21.20 -22.83 17.13
N LYS B 2 -20.64 -24.01 16.86
CA LYS B 2 -20.40 -24.43 15.48
C LYS B 2 -21.70 -24.54 14.71
N ARG B 3 -22.75 -25.09 15.34
CA ARG B 3 -24.04 -25.19 14.69
C ARG B 3 -24.61 -23.80 14.40
N PHE B 4 -24.47 -22.87 15.35
CA PHE B 4 -24.96 -21.51 15.12
C PHE B 4 -24.23 -20.85 13.97
N PHE B 5 -22.90 -20.99 13.92
CA PHE B 5 -22.14 -20.39 12.83
C PHE B 5 -22.50 -21.01 11.49
N ASN B 6 -22.68 -22.33 11.46
CA ASN B 6 -23.07 -23.00 10.22
C ASN B 6 -24.43 -22.51 9.75
N ARG B 7 -25.39 -22.39 10.67
CA ARG B 7 -26.72 -21.89 10.30
C ARG B 7 -26.64 -20.46 9.80
N PHE B 8 -25.83 -19.62 10.45
CA PHE B 8 -25.66 -18.24 10.00
C PHE B 8 -25.10 -18.19 8.59
N TYR B 9 -24.03 -18.95 8.34
CA TYR B 9 -23.41 -18.94 7.01
C TYR B 9 -24.36 -19.46 5.94
N LEU B 10 -25.12 -20.52 6.27
CA LEU B 10 -26.07 -21.06 5.31
C LEU B 10 -27.19 -20.07 5.01
N ASP B 11 -27.68 -19.37 6.05
CA ASP B 11 -28.79 -18.44 5.86
C ASP B 11 -28.35 -17.23 5.04
N THR B 12 -27.21 -16.63 5.38
CA THR B 12 -26.76 -15.46 4.63
C THR B 12 -26.19 -15.83 3.26
N GLY B 13 -25.93 -17.11 3.01
CA GLY B 13 -25.43 -17.52 1.71
C GLY B 13 -23.99 -17.15 1.43
N ILE B 14 -23.22 -16.77 2.47
CA ILE B 14 -21.82 -16.42 2.25
C ILE B 14 -21.03 -17.62 1.75
N ILE B 15 -21.26 -18.78 2.36
CA ILE B 15 -20.59 -20.02 1.97
C ILE B 15 -21.66 -21.06 1.65
N ALA B 16 -21.54 -21.67 0.47
CA ALA B 16 -22.48 -22.70 0.05
C ALA B 16 -21.89 -24.10 0.06
N ASP B 17 -20.58 -24.25 -0.04
CA ASP B 17 -19.96 -25.56 0.00
C ASP B 17 -20.00 -26.11 1.42
N PRO B 18 -20.56 -27.30 1.65
CA PRO B 18 -20.64 -27.82 3.02
C PRO B 18 -19.28 -27.95 3.72
N SER B 19 -18.25 -28.36 2.98
CA SER B 19 -16.93 -28.51 3.60
C SER B 19 -16.35 -27.17 4.01
N GLN B 20 -16.40 -26.18 3.10
CA GLN B 20 -15.91 -24.85 3.44
C GLN B 20 -16.73 -24.23 4.56
N ARG B 21 -18.05 -24.43 4.54
CA ARG B 21 -18.91 -23.91 5.60
C ARG B 21 -18.55 -24.52 6.95
N SER B 22 -18.32 -25.84 6.98
CA SER B 22 -17.95 -26.49 8.24
C SER B 22 -16.60 -26.00 8.74
N LEU B 23 -15.63 -25.87 7.83
CA LEU B 23 -14.31 -25.38 8.24
C LEU B 23 -14.39 -23.96 8.79
N ALA B 24 -15.14 -23.09 8.12
CA ALA B 24 -15.28 -21.72 8.58
C ALA B 24 -16.01 -21.66 9.91
N SER B 25 -17.04 -22.49 10.09
CA SER B 25 -17.75 -22.53 11.36
C SER B 25 -16.82 -22.97 12.49
N ARG B 26 -15.99 -23.99 12.25
CA ARG B 26 -15.04 -24.43 13.26
C ARG B 26 -14.04 -23.33 13.59
N VAL B 27 -13.53 -22.64 12.56
CA VAL B 27 -12.55 -21.58 12.79
C VAL B 27 -13.18 -20.45 13.60
N SER B 28 -14.39 -20.05 13.24
CA SER B 28 -15.06 -18.95 13.95
C SER B 28 -15.36 -19.34 15.40
N ALA B 29 -15.82 -20.56 15.62
CA ALA B 29 -16.09 -21.01 16.99
C ALA B 29 -14.81 -21.03 17.81
N PHE B 30 -13.71 -21.51 17.23
CA PHE B 30 -12.45 -21.52 17.95
C PHE B 30 -11.99 -20.10 18.29
N LEU B 31 -12.12 -19.18 17.33
CA LEU B 31 -11.71 -17.81 17.58
C LEU B 31 -12.55 -17.16 18.68
N VAL B 32 -13.87 -17.37 18.65
CA VAL B 32 -14.73 -16.78 19.67
C VAL B 32 -14.43 -17.38 21.04
N GLN B 33 -14.23 -18.69 21.10
CA GLN B 33 -13.90 -19.33 22.37
C GLN B 33 -12.57 -18.81 22.91
N GLY B 34 -11.58 -18.64 22.03
CA GLY B 34 -10.31 -18.10 22.47
C GLY B 34 -10.43 -16.67 22.98
N ALA B 35 -11.21 -15.85 22.30
CA ALA B 35 -11.42 -14.47 22.76
C ALA B 35 -12.11 -14.45 24.12
N VAL B 36 -13.13 -15.30 24.32
CA VAL B 36 -13.82 -15.35 25.60
C VAL B 36 -12.88 -15.81 26.70
N ALA B 37 -12.06 -16.84 26.41
CA ALA B 37 -11.11 -17.32 27.41
C ALA B 37 -10.08 -16.26 27.76
N PHE B 38 -9.59 -15.53 26.76
CA PHE B 38 -8.63 -14.47 27.04
C PHE B 38 -9.25 -13.35 27.87
N SER B 39 -10.51 -12.99 27.58
CA SER B 39 -11.18 -11.98 28.38
C SER B 39 -11.36 -12.45 29.82
N LEU B 40 -11.76 -13.70 30.01
CA LEU B 40 -11.91 -14.24 31.37
C LEU B 40 -10.58 -14.26 32.11
N LEU B 41 -9.50 -14.64 31.42
CA LEU B 41 -8.19 -14.66 32.05
C LEU B 41 -7.74 -13.25 32.43
N GLY B 42 -8.00 -12.27 31.56
CA GLY B 42 -7.63 -10.89 31.87
C GLY B 42 -8.49 -10.27 32.96
N THR B 43 -9.71 -10.76 33.15
CA THR B 43 -10.57 -10.22 34.20
C THR B 43 -9.99 -10.49 35.58
N ILE B 44 -9.50 -11.70 35.83
CA ILE B 44 -9.02 -12.06 37.18
C ILE B 44 -7.67 -11.43 37.51
N GLY B 45 -6.95 -10.92 36.52
CA GLY B 45 -5.71 -10.21 36.81
C GLY B 45 -4.53 -10.57 35.92
N VAL B 46 -4.68 -11.62 35.12
CA VAL B 46 -3.58 -12.04 34.25
C VAL B 46 -3.37 -11.01 33.17
N ASP B 47 -2.11 -10.62 32.95
CA ASP B 47 -1.76 -9.64 31.93
C ASP B 47 -1.87 -10.30 30.56
N THR B 48 -2.90 -9.93 29.81
CA THR B 48 -3.18 -10.53 28.51
C THR B 48 -2.63 -9.70 27.34
N SER B 49 -1.87 -8.65 27.62
CA SER B 49 -1.33 -7.82 26.55
C SER B 49 -0.37 -8.58 25.63
N PRO B 50 0.60 -9.35 26.12
CA PRO B 50 1.45 -10.12 25.19
C PRO B 50 0.66 -11.12 24.35
N LEU B 51 -0.32 -11.80 24.95
CA LEU B 51 -1.13 -12.74 24.19
C LEU B 51 -1.94 -12.03 23.11
N ILE B 52 -2.52 -10.87 23.44
CA ILE B 52 -3.27 -10.10 22.46
C ILE B 52 -2.35 -9.65 21.33
N ALA B 53 -1.15 -9.18 21.66
CA ALA B 53 -0.21 -8.74 20.63
C ALA B 53 0.19 -9.89 19.72
N ALA B 54 0.50 -11.06 20.29
CA ALA B 54 0.89 -12.21 19.47
C ALA B 54 -0.26 -12.66 18.58
N ALA B 55 -1.47 -12.71 19.13
CA ALA B 55 -2.63 -13.11 18.34
C ALA B 55 -2.89 -12.12 17.20
N GLY B 56 -2.76 -10.82 17.49
CA GLY B 56 -2.95 -9.83 16.45
C GLY B 56 -1.91 -9.93 15.35
N VAL B 57 -0.65 -10.15 15.72
CA VAL B 57 0.41 -10.29 14.72
C VAL B 57 0.17 -11.52 13.86
N THR B 58 -0.19 -12.64 14.49
CA THR B 58 -0.47 -13.86 13.72
C THR B 58 -1.66 -13.68 12.80
N GLY B 59 -2.72 -13.04 13.28
CA GLY B 59 -3.87 -12.79 12.44
C GLY B 59 -3.56 -11.87 11.28
N ALA B 60 -2.77 -10.83 11.52
CA ALA B 60 -2.37 -9.94 10.44
C ALA B 60 -1.53 -10.67 9.41
N THR B 61 -0.62 -11.53 9.86
CA THR B 61 0.18 -12.32 8.92
C THR B 61 -0.71 -13.23 8.07
N ILE B 62 -1.67 -13.91 8.70
CA ILE B 62 -2.54 -14.82 7.96
C ILE B 62 -3.39 -14.05 6.97
N VAL B 63 -3.92 -12.89 7.38
CA VAL B 63 -4.77 -12.09 6.50
C VAL B 63 -3.97 -11.57 5.31
N PHE B 64 -2.77 -11.04 5.57
CA PHE B 64 -1.96 -10.50 4.49
C PHE B 64 -1.46 -11.59 3.55
N ALA B 65 -1.22 -12.79 4.06
CA ALA B 65 -0.76 -13.88 3.21
C ALA B 65 -1.87 -14.41 2.31
N CYS B 66 -3.12 -14.42 2.79
CA CYS B 66 -4.25 -14.94 2.02
C CYS B 66 -5.06 -13.82 1.37
N LYS B 67 -4.40 -12.70 1.03
CA LYS B 67 -5.12 -11.57 0.46
C LYS B 67 -5.77 -11.93 -0.87
N ASP B 68 -5.03 -12.61 -1.75
CA ASP B 68 -5.56 -12.97 -3.05
C ASP B 68 -6.72 -13.94 -2.93
N PHE B 69 -6.60 -14.93 -2.04
CA PHE B 69 -7.68 -15.89 -1.84
C PHE B 69 -8.93 -15.21 -1.30
N GLY B 70 -8.76 -14.32 -0.32
CA GLY B 70 -9.91 -13.60 0.21
C GLY B 70 -10.57 -12.70 -0.81
N THR B 71 -9.76 -12.01 -1.61
CA THR B 71 -10.30 -11.15 -2.65
C THR B 71 -11.08 -11.96 -3.69
N ASN B 72 -10.54 -13.12 -4.10
CA ASN B 72 -11.24 -13.97 -5.05
C ASN B 72 -12.55 -14.49 -4.46
N PHE B 73 -12.55 -14.88 -3.19
CA PHE B 73 -13.77 -15.35 -2.55
C PHE B 73 -14.83 -14.25 -2.50
N VAL B 74 -14.42 -13.03 -2.13
CA VAL B 74 -15.37 -11.92 -2.07
C VAL B 74 -15.89 -11.59 -3.47
N ALA B 75 -15.02 -11.66 -4.48
CA ALA B 75 -15.46 -11.42 -5.85
C ALA B 75 -16.47 -12.45 -6.30
N SER B 76 -16.25 -13.73 -5.95
CA SER B 76 -17.22 -14.76 -6.27
C SER B 76 -18.54 -14.52 -5.54
N ILE B 77 -18.48 -14.07 -4.29
CA ILE B 77 -19.70 -13.79 -3.53
C ILE B 77 -20.48 -12.67 -4.20
N VAL B 78 -19.78 -11.61 -4.61
CA VAL B 78 -20.46 -10.46 -5.20
C VAL B 78 -21.03 -10.79 -6.57
N LEU B 79 -20.25 -11.49 -7.40
CA LEU B 79 -20.65 -11.76 -8.77
C LEU B 79 -21.78 -12.77 -8.89
N SER B 80 -22.16 -13.43 -7.80
CA SER B 80 -23.24 -14.41 -7.86
C SER B 80 -24.56 -13.72 -8.21
N GLY B 81 -25.32 -14.33 -9.12
CA GLY B 81 -26.58 -13.80 -9.56
C GLY B 81 -26.51 -12.91 -10.79
N GLN B 82 -25.30 -12.62 -11.27
CA GLN B 82 -25.15 -11.80 -12.47
C GLN B 82 -25.79 -12.47 -13.68
N GLN B 83 -26.57 -11.71 -14.44
CA GLN B 83 -27.25 -12.26 -15.60
C GLN B 83 -26.30 -12.52 -16.76
N SER B 84 -25.26 -11.70 -16.92
CA SER B 84 -24.34 -11.88 -18.04
C SER B 84 -23.54 -13.17 -17.91
N ILE B 85 -23.24 -13.60 -16.68
CA ILE B 85 -22.45 -14.81 -16.44
C ILE B 85 -23.45 -15.92 -16.15
N ARG B 86 -23.82 -16.65 -17.19
CA ARG B 86 -24.71 -17.80 -17.08
C ARG B 86 -24.20 -18.91 -18.00
N THR B 87 -24.59 -20.14 -17.68
CA THR B 87 -24.18 -21.29 -18.47
C THR B 87 -24.68 -21.15 -19.91
N GLY B 88 -23.79 -21.39 -20.86
CA GLY B 88 -24.12 -21.27 -22.26
C GLY B 88 -24.06 -19.88 -22.84
N ASN B 89 -23.64 -18.89 -22.05
CA ASN B 89 -23.56 -17.51 -22.51
C ASN B 89 -22.16 -17.20 -23.01
N LEU B 90 -22.07 -16.62 -24.19
CA LEU B 90 -20.80 -16.25 -24.79
C LEU B 90 -20.41 -14.86 -24.28
N VAL B 91 -19.32 -14.79 -23.51
CA VAL B 91 -18.89 -13.55 -22.89
C VAL B 91 -17.43 -13.29 -23.25
N CYS B 92 -17.06 -12.02 -23.18
CA CYS B 92 -15.69 -11.58 -23.45
C CYS B 92 -15.22 -10.71 -22.30
N ILE B 93 -14.05 -11.04 -21.75
CA ILE B 93 -13.51 -10.36 -20.58
C ILE B 93 -12.18 -9.71 -20.95
N GLY B 94 -12.03 -8.44 -20.59
CA GLY B 94 -10.80 -7.71 -20.85
C GLY B 94 -10.92 -6.78 -22.04
N THR B 95 -9.94 -5.87 -22.14
CA THR B 95 -9.88 -4.92 -23.22
C THR B 95 -8.46 -4.84 -23.74
N GLY B 96 -8.32 -4.72 -25.07
CA GLY B 96 -7.01 -4.62 -25.69
C GLY B 96 -6.34 -5.96 -25.92
N LEU B 97 -5.03 -6.01 -25.71
CA LEU B 97 -4.30 -7.27 -25.90
C LEU B 97 -4.71 -8.31 -24.86
N ASN B 98 -4.93 -7.88 -23.61
CA ASN B 98 -5.33 -8.79 -22.54
C ASN B 98 -6.84 -9.02 -22.61
N VAL B 99 -7.23 -9.86 -23.56
CA VAL B 99 -8.64 -10.16 -23.80
C VAL B 99 -8.85 -11.66 -23.70
N VAL B 100 -10.03 -12.05 -23.23
CA VAL B 100 -10.41 -13.44 -23.05
C VAL B 100 -11.81 -13.64 -23.61
N LYS B 101 -11.97 -14.64 -24.47
CA LYS B 101 -13.25 -14.92 -25.11
C LYS B 101 -13.61 -16.39 -24.93
N GLY B 102 -14.88 -16.66 -24.65
CA GLY B 102 -15.34 -18.02 -24.50
C GLY B 102 -16.79 -18.05 -24.04
N LYS B 103 -17.30 -19.27 -23.90
CA LYS B 103 -18.65 -19.51 -23.44
C LYS B 103 -18.62 -20.10 -22.04
N VAL B 104 -19.44 -19.56 -21.14
CA VAL B 104 -19.47 -20.03 -19.76
C VAL B 104 -20.02 -21.44 -19.72
N VAL B 105 -19.28 -22.35 -19.09
CA VAL B 105 -19.68 -23.74 -18.95
C VAL B 105 -19.89 -24.12 -17.48
N ASP B 106 -19.05 -23.62 -16.58
CA ASP B 106 -19.15 -23.93 -15.17
C ASP B 106 -18.63 -22.75 -14.37
N TRP B 107 -19.18 -22.59 -13.17
CA TRP B 107 -18.79 -21.51 -12.27
C TRP B 107 -18.28 -22.09 -10.95
N ASP B 108 -17.23 -21.48 -10.41
CA ASP B 108 -16.62 -21.91 -9.17
C ASP B 108 -16.38 -20.69 -8.29
N THR B 109 -16.02 -20.96 -7.03
CA THR B 109 -15.73 -19.90 -6.07
C THR B 109 -14.32 -19.32 -6.23
N ARG B 110 -13.51 -19.88 -7.12
CA ARG B 110 -12.14 -19.40 -7.30
C ARG B 110 -11.87 -19.06 -8.76
N TYR B 111 -12.49 -19.80 -9.68
CA TYR B 111 -12.26 -19.63 -11.10
C TYR B 111 -13.58 -19.53 -11.85
N LEU B 112 -13.54 -18.89 -13.01
CA LEU B 112 -14.65 -18.87 -13.96
C LEU B 112 -14.20 -19.61 -15.22
N TYR B 113 -14.97 -20.62 -15.61
CA TYR B 113 -14.59 -21.52 -16.70
C TYR B 113 -15.27 -21.10 -17.99
N LEU B 114 -14.46 -20.95 -19.05
CA LEU B 114 -14.96 -20.60 -20.36
C LEU B 114 -14.43 -21.60 -21.39
N ARG B 115 -15.22 -21.84 -22.43
CA ARG B 115 -14.86 -22.74 -23.50
C ARG B 115 -14.55 -21.93 -24.75
N SER B 116 -13.32 -22.06 -25.26
CA SER B 116 -12.89 -21.30 -26.41
C SER B 116 -13.45 -21.91 -27.70
N SER B 117 -13.15 -21.25 -28.82
CA SER B 117 -13.58 -21.77 -30.11
C SER B 117 -12.90 -23.11 -30.42
N GLU B 118 -11.62 -23.23 -30.07
CA GLU B 118 -10.89 -24.47 -30.31
C GLU B 118 -11.19 -25.54 -29.28
N GLY B 119 -11.92 -25.22 -28.22
CA GLY B 119 -12.26 -26.18 -27.19
C GLY B 119 -11.41 -26.09 -25.93
N HIS B 120 -10.48 -25.15 -25.87
CA HIS B 120 -9.66 -25.01 -24.67
C HIS B 120 -10.48 -24.47 -23.52
N LEU B 121 -10.12 -24.88 -22.30
CA LEU B 121 -10.78 -24.44 -21.08
C LEU B 121 -10.01 -23.29 -20.47
N LEU B 122 -10.69 -22.16 -20.27
CA LEU B 122 -10.08 -20.95 -19.75
C LEU B 122 -10.49 -20.77 -18.29
N HIS B 123 -9.52 -20.52 -17.43
CA HIS B 123 -9.74 -20.32 -16.00
C HIS B 123 -9.49 -18.85 -15.69
N VAL B 124 -10.57 -18.07 -15.59
CA VAL B 124 -10.49 -16.64 -15.32
C VAL B 124 -10.83 -16.42 -13.85
N PRO B 125 -9.93 -15.86 -13.05
CA PRO B 125 -10.25 -15.60 -11.64
C PRO B 125 -11.38 -14.59 -11.51
N ASN B 126 -12.17 -14.75 -10.44
CA ASN B 126 -13.29 -13.85 -10.20
C ASN B 126 -12.81 -12.42 -9.94
N ASN B 127 -11.62 -12.27 -9.36
CA ASN B 127 -11.05 -10.94 -9.18
C ASN B 127 -10.81 -10.26 -10.53
N MET B 128 -10.31 -11.02 -11.51
CA MET B 128 -10.14 -10.47 -12.84
C MET B 128 -11.49 -10.13 -13.48
N VAL B 129 -12.53 -10.90 -13.17
CA VAL B 129 -13.84 -10.65 -13.74
C VAL B 129 -14.44 -9.36 -13.18
N LEU B 130 -14.27 -9.14 -11.87
CA LEU B 130 -14.90 -7.97 -11.24
C LEU B 130 -14.34 -6.67 -11.81
N ASN B 131 -13.01 -6.51 -11.81
CA ASN B 131 -12.38 -5.28 -12.27
C ASN B 131 -11.95 -5.36 -13.73
N SER B 132 -12.91 -5.62 -14.62
CA SER B 132 -12.65 -5.64 -16.05
C SER B 132 -13.95 -5.42 -16.79
N VAL B 133 -13.82 -5.01 -18.06
CA VAL B 133 -15.00 -4.82 -18.90
C VAL B 133 -15.47 -6.16 -19.41
N VAL B 134 -16.75 -6.45 -19.20
CA VAL B 134 -17.37 -7.71 -19.61
C VAL B 134 -18.24 -7.43 -20.82
N THR B 135 -18.00 -8.15 -21.91
CA THR B 135 -18.76 -8.02 -23.15
C THR B 135 -19.59 -9.28 -23.33
N TRP B 136 -20.90 -9.12 -23.40
CA TRP B 136 -21.82 -10.24 -23.56
C TRP B 136 -22.65 -10.03 -24.83
N GLU B 137 -22.66 -11.05 -25.68
CA GLU B 137 -23.40 -10.98 -26.94
C GLU B 137 -24.90 -11.15 -26.69
N MET C 1 -33.92 0.74 16.28
CA MET C 1 -32.67 1.27 15.74
C MET C 1 -32.56 0.97 14.25
N LYS C 2 -33.10 -0.19 13.84
CA LYS C 2 -33.13 -0.54 12.43
C LYS C 2 -33.97 0.47 11.65
N ARG C 3 -35.11 0.88 12.20
CA ARG C 3 -35.94 1.88 11.54
C ARG C 3 -35.20 3.21 11.42
N PHE C 4 -34.48 3.61 12.47
CA PHE C 4 -33.72 4.85 12.41
C PHE C 4 -32.64 4.79 11.34
N PHE C 5 -31.91 3.66 11.28
CA PHE C 5 -30.86 3.54 10.27
C PHE C 5 -31.45 3.52 8.86
N ASN C 6 -32.58 2.83 8.67
CA ASN C 6 -33.22 2.82 7.36
C ASN C 6 -33.67 4.21 6.95
N ARG C 7 -34.26 4.97 7.88
CA ARG C 7 -34.67 6.33 7.57
C ARG C 7 -33.47 7.21 7.24
N PHE C 8 -32.38 7.05 7.98
CA PHE C 8 -31.16 7.82 7.70
C PHE C 8 -30.63 7.51 6.31
N TYR C 9 -30.52 6.23 5.97
CA TYR C 9 -30.00 5.85 4.66
C TYR C 9 -30.91 6.34 3.54
N LEU C 10 -32.22 6.23 3.73
CA LEU C 10 -33.15 6.72 2.71
C LEU C 10 -33.06 8.23 2.54
N ASP C 11 -32.94 8.97 3.65
CA ASP C 11 -32.90 10.42 3.56
C ASP C 11 -31.61 10.91 2.89
N THR C 12 -30.46 10.36 3.30
CA THR C 12 -29.20 10.80 2.70
C THR C 12 -29.00 10.22 1.30
N GLY C 13 -29.79 9.24 0.90
CA GLY C 13 -29.68 8.69 -0.44
C GLY C 13 -28.46 7.83 -0.67
N ILE C 14 -27.78 7.39 0.40
CA ILE C 14 -26.61 6.54 0.24
C ILE C 14 -26.99 5.21 -0.40
N ILE C 15 -28.08 4.62 0.06
CA ILE C 15 -28.59 3.35 -0.47
C ILE C 15 -30.03 3.55 -0.91
N ALA C 16 -30.32 3.18 -2.15
CA ALA C 16 -31.67 3.29 -2.70
C ALA C 16 -32.38 1.95 -2.85
N ASP C 17 -31.65 0.85 -2.96
CA ASP C 17 -32.28 -0.46 -3.08
C ASP C 17 -32.86 -0.87 -1.73
N PRO C 18 -34.15 -1.20 -1.65
CA PRO C 18 -34.73 -1.57 -0.35
C PRO C 18 -34.05 -2.75 0.33
N SER C 19 -33.64 -3.76 -0.45
CA SER C 19 -32.99 -4.93 0.15
C SER C 19 -31.63 -4.56 0.72
N GLN C 20 -30.81 -3.84 -0.06
CA GLN C 20 -29.50 -3.41 0.43
C GLN C 20 -29.65 -2.47 1.61
N ARG C 21 -30.64 -1.57 1.56
CA ARG C 21 -30.87 -0.66 2.68
C ARG C 21 -31.24 -1.42 3.94
N SER C 22 -32.12 -2.41 3.83
CA SER C 22 -32.52 -3.20 5.00
C SER C 22 -31.33 -3.98 5.56
N LEU C 23 -30.53 -4.59 4.67
CA LEU C 23 -29.37 -5.34 5.14
C LEU C 23 -28.36 -4.43 5.85
N ALA C 24 -28.10 -3.25 5.28
CA ALA C 24 -27.18 -2.32 5.91
C ALA C 24 -27.71 -1.81 7.23
N SER C 25 -29.02 -1.55 7.31
CA SER C 25 -29.62 -1.11 8.57
C SER C 25 -29.47 -2.19 9.64
N ARG C 26 -29.72 -3.45 9.28
CA ARG C 26 -29.55 -4.54 10.23
C ARG C 26 -28.11 -4.65 10.69
N VAL C 27 -27.16 -4.55 9.75
CA VAL C 27 -25.74 -4.66 10.10
C VAL C 27 -25.34 -3.53 11.04
N SER C 28 -25.77 -2.30 10.73
CA SER C 28 -25.41 -1.16 11.57
C SER C 28 -26.03 -1.27 12.96
N ALA C 29 -27.28 -1.69 13.03
CA ALA C 29 -27.93 -1.87 14.34
C ALA C 29 -27.22 -2.92 15.16
N PHE C 30 -26.84 -4.05 14.52
CA PHE C 30 -26.12 -5.09 15.24
C PHE C 30 -24.77 -4.58 15.74
N LEU C 31 -24.06 -3.83 14.91
CA LEU C 31 -22.76 -3.31 15.32
C LEU C 31 -22.88 -2.33 16.48
N VAL C 32 -23.87 -1.44 16.43
CA VAL C 32 -24.06 -0.47 17.50
C VAL C 32 -24.46 -1.18 18.79
N GLN C 33 -25.36 -2.16 18.70
CA GLN C 33 -25.75 -2.91 19.89
C GLN C 33 -24.57 -3.66 20.49
N GLY C 34 -23.73 -4.26 19.64
CA GLY C 34 -22.55 -4.94 20.14
C GLY C 34 -21.58 -3.99 20.82
N ALA C 35 -21.37 -2.81 20.23
CA ALA C 35 -20.49 -1.83 20.86
C ALA C 35 -21.03 -1.37 22.21
N VAL C 36 -22.34 -1.14 22.30
CA VAL C 36 -22.94 -0.72 23.56
C VAL C 36 -22.80 -1.83 24.61
N ALA C 37 -23.05 -3.07 24.20
CA ALA C 37 -22.93 -4.19 25.13
C ALA C 37 -21.49 -4.35 25.61
N PHE C 38 -20.52 -4.20 24.71
CA PHE C 38 -19.12 -4.30 25.11
C PHE C 38 -18.74 -3.19 26.06
N SER C 39 -19.22 -1.97 25.82
CA SER C 39 -18.94 -0.87 26.73
C SER C 39 -19.54 -1.13 28.11
N LEU C 40 -20.78 -1.62 28.15
CA LEU C 40 -21.42 -1.93 29.43
C LEU C 40 -20.67 -3.03 30.17
N LEU C 41 -20.22 -4.05 29.44
CA LEU C 41 -19.46 -5.14 30.06
C LEU C 41 -18.13 -4.63 30.61
N GLY C 42 -17.45 -3.75 29.86
CA GLY C 42 -16.20 -3.20 30.34
C GLY C 42 -16.35 -2.23 31.49
N THR C 43 -17.53 -1.60 31.62
CA THR C 43 -17.74 -0.67 32.73
C THR C 43 -17.71 -1.38 34.07
N ILE C 44 -18.36 -2.55 34.17
CA ILE C 44 -18.46 -3.23 35.46
C ILE C 44 -17.17 -3.92 35.86
N GLY C 45 -16.22 -4.09 34.95
CA GLY C 45 -14.92 -4.63 35.33
C GLY C 45 -14.38 -5.70 34.40
N VAL C 46 -15.20 -6.20 33.48
CA VAL C 46 -14.75 -7.25 32.57
C VAL C 46 -13.71 -6.69 31.62
N ASP C 47 -12.60 -7.41 31.46
CA ASP C 47 -11.54 -6.98 30.55
C ASP C 47 -11.99 -7.21 29.12
N THR C 48 -12.28 -6.12 28.41
CA THR C 48 -12.80 -6.19 27.05
C THR C 48 -11.70 -6.01 25.99
N SER C 49 -10.44 -5.97 26.40
CA SER C 49 -9.36 -5.79 25.43
C SER C 49 -9.25 -6.94 24.43
N PRO C 50 -9.29 -8.22 24.83
CA PRO C 50 -9.26 -9.29 23.81
C PRO C 50 -10.44 -9.24 22.86
N LEU C 51 -11.64 -8.94 23.37
CA LEU C 51 -12.81 -8.84 22.50
C LEU C 51 -12.67 -7.70 21.51
N ILE C 52 -12.17 -6.55 21.98
CA ILE C 52 -11.95 -5.41 21.10
C ILE C 52 -10.92 -5.77 20.02
N ALA C 53 -9.84 -6.44 20.41
CA ALA C 53 -8.81 -6.80 19.44
C ALA C 53 -9.36 -7.77 18.40
N ALA C 54 -10.12 -8.78 18.84
CA ALA C 54 -10.68 -9.73 17.89
C ALA C 54 -11.67 -9.07 16.95
N ALA C 55 -12.53 -8.19 17.48
CA ALA C 55 -13.50 -7.49 16.64
C ALA C 55 -12.79 -6.59 15.63
N GLY C 56 -11.72 -5.90 16.08
CA GLY C 56 -10.98 -5.06 15.16
C GLY C 56 -10.30 -5.84 14.06
N VAL C 57 -9.71 -6.98 14.40
CA VAL C 57 -9.06 -7.82 13.40
C VAL C 57 -10.09 -8.35 12.39
N THR C 58 -11.24 -8.81 12.88
CA THR C 58 -12.27 -9.31 11.98
C THR C 58 -12.80 -8.19 11.08
N GLY C 59 -13.02 -7.01 11.63
CA GLY C 59 -13.47 -5.89 10.82
C GLY C 59 -12.46 -5.48 9.78
N ALA C 60 -11.18 -5.45 10.15
CA ALA C 60 -10.13 -5.12 9.18
C ALA C 60 -10.08 -6.16 8.07
N THR C 61 -10.21 -7.44 8.41
CA THR C 61 -10.24 -8.49 7.40
C THR C 61 -11.41 -8.31 6.44
N ILE C 62 -12.60 -8.03 6.98
CA ILE C 62 -13.78 -7.87 6.14
C ILE C 62 -13.63 -6.64 5.25
N VAL C 63 -13.10 -5.54 5.79
CA VAL C 63 -12.94 -4.33 5.01
C VAL C 63 -11.93 -4.53 3.89
N PHE C 64 -10.79 -5.16 4.21
CA PHE C 64 -9.76 -5.36 3.20
C PHE C 64 -10.20 -6.36 2.14
N ALA C 65 -11.02 -7.34 2.51
CA ALA C 65 -11.49 -8.31 1.54
C ALA C 65 -12.51 -7.71 0.57
N CYS C 66 -13.35 -6.79 1.05
CA CYS C 66 -14.39 -6.17 0.23
C CYS C 66 -13.97 -4.80 -0.29
N LYS C 67 -12.67 -4.58 -0.50
CA LYS C 67 -12.19 -3.28 -0.93
C LYS C 67 -12.75 -2.90 -2.30
N ASP C 68 -12.73 -3.85 -3.24
CA ASP C 68 -13.22 -3.55 -4.59
C ASP C 68 -14.72 -3.26 -4.58
N PHE C 69 -15.48 -4.05 -3.82
CA PHE C 69 -16.92 -3.83 -3.73
C PHE C 69 -17.23 -2.46 -3.12
N GLY C 70 -16.53 -2.11 -2.04
CA GLY C 70 -16.75 -0.81 -1.43
C GLY C 70 -16.38 0.33 -2.34
N THR C 71 -15.25 0.20 -3.05
CA THR C 71 -14.83 1.23 -3.98
C THR C 71 -15.85 1.40 -5.11
N ASN C 72 -16.37 0.29 -5.65
CA ASN C 72 -17.38 0.38 -6.70
C ASN C 72 -18.66 1.04 -6.18
N PHE C 73 -19.07 0.69 -4.96
CA PHE C 73 -20.27 1.30 -4.39
C PHE C 73 -20.09 2.80 -4.21
N VAL C 74 -18.92 3.22 -3.69
CA VAL C 74 -18.67 4.65 -3.51
C VAL C 74 -18.61 5.36 -4.86
N ALA C 75 -18.03 4.72 -5.87
CA ALA C 75 -17.99 5.30 -7.20
C ALA C 75 -19.39 5.49 -7.77
N SER C 76 -20.26 4.49 -7.57
CA SER C 76 -21.64 4.61 -8.01
C SER C 76 -22.35 5.74 -7.27
N ILE C 77 -22.09 5.88 -5.98
CA ILE C 77 -22.70 6.95 -5.19
C ILE C 77 -22.27 8.31 -5.72
N VAL C 78 -20.98 8.46 -6.00
CA VAL C 78 -20.45 9.76 -6.45
C VAL C 78 -20.94 10.08 -7.85
N LEU C 79 -20.91 9.09 -8.75
CA LEU C 79 -21.24 9.34 -10.15
C LEU C 79 -22.72 9.61 -10.39
N SER C 80 -23.58 9.40 -9.39
CA SER C 80 -25.00 9.64 -9.57
C SER C 80 -25.27 11.11 -9.83
N GLY C 81 -26.13 11.39 -10.81
CA GLY C 81 -26.47 12.73 -11.19
C GLY C 81 -25.63 13.32 -12.31
N GLN C 82 -24.60 12.60 -12.75
CA GLN C 82 -23.76 13.10 -13.84
C GLN C 82 -24.56 13.24 -15.12
N GLN C 83 -24.40 14.39 -15.78
CA GLN C 83 -25.15 14.66 -17.00
C GLN C 83 -24.63 13.84 -18.19
N SER C 84 -23.33 13.55 -18.24
CA SER C 84 -22.79 12.81 -19.37
C SER C 84 -23.29 11.37 -19.40
N ILE C 85 -23.55 10.78 -18.23
CA ILE C 85 -24.00 9.40 -18.13
C ILE C 85 -25.53 9.45 -17.98
N ARG C 86 -26.23 9.36 -19.10
CA ARG C 86 -27.68 9.33 -19.13
C ARG C 86 -28.13 8.31 -20.17
N THR C 87 -29.36 7.82 -20.00
CA THR C 87 -29.90 6.85 -20.92
C THR C 87 -29.98 7.42 -22.33
N GLY C 88 -29.52 6.65 -23.31
CA GLY C 88 -29.50 7.08 -24.68
C GLY C 88 -28.33 7.95 -25.09
N ASN C 89 -27.39 8.18 -24.19
CA ASN C 89 -26.23 9.02 -24.48
C ASN C 89 -25.06 8.16 -24.94
N LEU C 90 -24.44 8.54 -26.05
CA LEU C 90 -23.30 7.82 -26.59
C LEU C 90 -22.03 8.35 -25.92
N VAL C 91 -21.37 7.49 -25.15
CA VAL C 91 -20.19 7.88 -24.38
C VAL C 91 -19.05 6.93 -24.70
N CYS C 92 -17.83 7.43 -24.48
CA CYS C 92 -16.61 6.67 -24.70
C CYS C 92 -15.75 6.76 -23.45
N ILE C 93 -15.31 5.61 -22.94
CA ILE C 93 -14.57 5.53 -21.69
C ILE C 93 -13.20 4.92 -21.98
N GLY C 94 -12.16 5.58 -21.48
CA GLY C 94 -10.80 5.09 -21.64
C GLY C 94 -10.04 5.87 -22.71
N THR C 95 -8.72 5.68 -22.70
CA THR C 95 -7.83 6.31 -23.66
C THR C 95 -6.83 5.28 -24.17
N GLY C 96 -6.53 5.35 -25.47
CA GLY C 96 -5.57 4.44 -26.07
C GLY C 96 -6.17 3.09 -26.46
N LEU C 97 -5.40 2.03 -26.25
CA LEU C 97 -5.89 0.69 -26.58
C LEU C 97 -7.04 0.29 -25.68
N ASN C 98 -6.97 0.63 -24.39
CA ASN C 98 -8.02 0.30 -23.43
C ASN C 98 -9.14 1.33 -23.53
N VAL C 99 -9.95 1.19 -24.58
CA VAL C 99 -11.04 2.11 -24.86
C VAL C 99 -12.35 1.32 -24.94
N VAL C 100 -13.43 1.96 -24.52
CA VAL C 100 -14.76 1.37 -24.51
C VAL C 100 -15.74 2.38 -25.09
N LYS C 101 -16.54 1.94 -26.06
CA LYS C 101 -17.50 2.81 -26.73
C LYS C 101 -18.87 2.16 -26.73
N GLY C 102 -19.90 2.96 -26.48
CA GLY C 102 -21.26 2.46 -26.50
C GLY C 102 -22.23 3.53 -26.05
N LYS C 103 -23.51 3.15 -26.06
CA LYS C 103 -24.59 4.03 -25.63
C LYS C 103 -25.15 3.52 -24.31
N VAL C 104 -25.34 4.43 -23.36
CA VAL C 104 -25.85 4.06 -22.05
C VAL C 104 -27.29 3.60 -22.17
N VAL C 105 -27.58 2.41 -21.65
CA VAL C 105 -28.92 1.85 -21.67
C VAL C 105 -29.49 1.67 -20.27
N ASP C 106 -28.65 1.25 -19.31
CA ASP C 106 -29.10 1.03 -17.95
C ASP C 106 -27.92 1.31 -17.02
N TRP C 107 -28.26 1.76 -15.80
CA TRP C 107 -27.27 2.05 -14.78
C TRP C 107 -27.52 1.21 -13.54
N ASP C 108 -26.44 0.73 -12.93
CA ASP C 108 -26.50 -0.10 -11.74
C ASP C 108 -25.49 0.41 -10.72
N THR C 109 -25.59 -0.13 -9.51
CA THR C 109 -24.68 0.23 -8.43
C THR C 109 -23.34 -0.49 -8.51
N ARG C 110 -23.17 -1.41 -9.46
CA ARG C 110 -21.92 -2.16 -9.58
C ARG C 110 -21.35 -2.05 -10.99
N TYR C 111 -22.22 -1.96 -11.99
CA TYR C 111 -21.82 -1.92 -13.38
C TYR C 111 -22.51 -0.78 -14.11
N LEU C 112 -21.88 -0.33 -15.20
CA LEU C 112 -22.47 0.61 -16.13
C LEU C 112 -22.65 -0.10 -17.48
N TYR C 113 -23.87 -0.11 -17.98
CA TYR C 113 -24.23 -0.89 -19.17
C TYR C 113 -24.20 -0.01 -20.40
N LEU C 114 -23.49 -0.45 -21.43
CA LEU C 114 -23.40 0.24 -22.70
C LEU C 114 -23.74 -0.71 -23.83
N ARG C 115 -24.33 -0.18 -24.90
CA ARG C 115 -24.69 -0.95 -26.07
C ARG C 115 -23.75 -0.59 -27.21
N SER C 116 -23.05 -1.59 -27.73
CA SER C 116 -22.07 -1.37 -28.78
C SER C 116 -22.77 -1.22 -30.13
N SER C 117 -21.97 -0.96 -31.17
CA SER C 117 -22.52 -0.85 -32.52
C SER C 117 -23.09 -2.19 -32.98
N GLU C 118 -22.42 -3.29 -32.65
CA GLU C 118 -22.89 -4.62 -33.03
C GLU C 118 -24.01 -5.13 -32.13
N GLY C 119 -24.32 -4.44 -31.04
CA GLY C 119 -25.36 -4.85 -30.14
C GLY C 119 -24.89 -5.55 -28.87
N HIS C 120 -23.57 -5.68 -28.69
CA HIS C 120 -23.07 -6.32 -27.49
C HIS C 120 -23.27 -5.43 -26.28
N LEU C 121 -23.47 -6.06 -25.12
CA LEU C 121 -23.68 -5.35 -23.86
C LEU C 121 -22.35 -5.28 -23.11
N LEU C 122 -21.93 -4.06 -22.78
CA LEU C 122 -20.66 -3.82 -22.12
C LEU C 122 -20.92 -3.49 -20.66
N HIS C 123 -20.19 -4.15 -19.77
CA HIS C 123 -20.31 -3.96 -18.32
C HIS C 123 -19.05 -3.26 -17.83
N VAL C 124 -19.13 -1.94 -17.65
CA VAL C 124 -18.01 -1.12 -17.21
C VAL C 124 -18.19 -0.83 -15.73
N PRO C 125 -17.26 -1.24 -14.86
CA PRO C 125 -17.40 -0.94 -13.43
C PRO C 125 -17.35 0.57 -13.19
N ASN C 126 -18.07 1.00 -12.14
CA ASN C 126 -18.09 2.42 -11.80
C ASN C 126 -16.72 2.92 -11.38
N ASN C 127 -15.90 2.05 -10.78
CA ASN C 127 -14.53 2.42 -10.44
C ASN C 127 -13.73 2.76 -11.69
N MET C 128 -13.91 1.97 -12.76
CA MET C 128 -13.25 2.28 -14.02
C MET C 128 -13.78 3.58 -14.62
N VAL C 129 -15.06 3.89 -14.40
CA VAL C 129 -15.63 5.11 -14.94
C VAL C 129 -15.08 6.34 -14.23
N LEU C 130 -14.92 6.25 -12.90
CA LEU C 130 -14.46 7.41 -12.14
C LEU C 130 -13.05 7.84 -12.55
N ASN C 131 -12.11 6.91 -12.53
CA ASN C 131 -10.72 7.22 -12.84
C ASN C 131 -10.37 6.94 -14.29
N SER C 132 -11.09 7.59 -15.21
CA SER C 132 -10.81 7.48 -16.63
C SER C 132 -11.38 8.69 -17.34
N VAL C 133 -10.87 8.93 -18.56
CA VAL C 133 -11.37 10.02 -19.37
C VAL C 133 -12.67 9.59 -20.04
N VAL C 134 -13.72 10.39 -19.87
CA VAL C 134 -15.04 10.11 -20.43
C VAL C 134 -15.26 11.05 -21.59
N THR C 135 -15.56 10.49 -22.77
CA THR C 135 -15.82 11.26 -23.98
C THR C 135 -17.30 11.13 -24.31
N TRP C 136 -18.00 12.26 -24.37
CA TRP C 136 -19.43 12.29 -24.66
C TRP C 136 -19.67 13.14 -25.89
N GLU C 137 -20.37 12.59 -26.86
CA GLU C 137 -20.67 13.30 -28.11
C GLU C 137 -21.77 14.33 -27.88
N MET D 1 -22.30 25.64 16.18
CA MET D 1 -21.05 25.04 15.70
C MET D 1 -21.08 24.87 14.19
N LYS D 2 -22.27 24.60 13.65
CA LYS D 2 -22.42 24.51 12.20
C LYS D 2 -22.11 25.84 11.54
N ARG D 3 -22.55 26.95 12.14
CA ARG D 3 -22.24 28.26 11.60
C ARG D 3 -20.74 28.53 11.64
N PHE D 4 -20.08 28.15 12.73
CA PHE D 4 -18.63 28.34 12.82
C PHE D 4 -17.90 27.53 11.76
N PHE D 5 -18.30 26.27 11.56
CA PHE D 5 -17.65 25.44 10.55
C PHE D 5 -17.90 25.99 9.15
N ASN D 6 -19.12 26.46 8.88
CA ASN D 6 -19.42 27.04 7.57
C ASN D 6 -18.58 28.29 7.33
N ARG D 7 -18.46 29.15 8.34
CA ARG D 7 -17.64 30.35 8.19
C ARG D 7 -16.17 29.99 7.97
N PHE D 8 -15.67 28.99 8.69
CA PHE D 8 -14.29 28.54 8.51
C PHE D 8 -14.06 28.04 7.09
N TYR D 9 -14.95 27.18 6.60
CA TYR D 9 -14.80 26.63 5.25
C TYR D 9 -14.89 27.72 4.19
N LEU D 10 -15.81 28.67 4.37
CA LEU D 10 -15.93 29.77 3.41
C LEU D 10 -14.69 30.66 3.42
N ASP D 11 -14.14 30.94 4.61
CA ASP D 11 -12.99 31.82 4.70
C ASP D 11 -11.73 31.17 4.10
N THR D 12 -11.47 29.90 4.44
CA THR D 12 -10.30 29.25 3.90
C THR D 12 -10.48 28.84 2.44
N GLY D 13 -11.70 28.88 1.92
CA GLY D 13 -11.93 28.53 0.53
C GLY D 13 -11.80 27.06 0.21
N ILE D 14 -11.81 26.18 1.22
CA ILE D 14 -11.72 24.75 0.95
C ILE D 14 -12.93 24.27 0.16
N ILE D 15 -14.12 24.71 0.55
CA ILE D 15 -15.36 24.34 -0.13
C ILE D 15 -16.07 25.62 -0.55
N ALA D 16 -16.43 25.70 -1.83
CA ALA D 16 -17.14 26.86 -2.36
C ALA D 16 -18.60 26.59 -2.67
N ASP D 17 -18.98 25.35 -2.91
CA ASP D 17 -20.37 25.02 -3.18
C ASP D 17 -21.19 25.13 -1.90
N PRO D 18 -22.26 25.91 -1.86
CA PRO D 18 -23.03 26.04 -0.61
C PRO D 18 -23.58 24.72 -0.08
N SER D 19 -24.02 23.83 -0.97
CA SER D 19 -24.58 22.55 -0.51
C SER D 19 -23.49 21.68 0.10
N GLN D 20 -22.35 21.55 -0.59
CA GLN D 20 -21.24 20.77 -0.05
C GLN D 20 -20.71 21.39 1.24
N ARG D 21 -20.63 22.72 1.30
CA ARG D 21 -20.18 23.39 2.51
C ARG D 21 -21.11 23.11 3.68
N SER D 22 -22.43 23.18 3.44
CA SER D 22 -23.39 22.90 4.51
C SER D 22 -23.30 21.46 4.97
N LEU D 23 -23.18 20.52 4.03
CA LEU D 23 -23.08 19.11 4.40
C LEU D 23 -21.81 18.85 5.22
N ALA D 24 -20.69 19.42 4.80
CA ALA D 24 -19.44 19.24 5.53
C ALA D 24 -19.51 19.88 6.90
N SER D 25 -20.14 21.05 7.01
CA SER D 25 -20.29 21.69 8.31
C SER D 25 -21.13 20.83 9.25
N ARG D 26 -22.23 20.27 8.73
CA ARG D 26 -23.06 19.39 9.55
C ARG D 26 -22.27 18.16 10.00
N VAL D 27 -21.51 17.56 9.08
CA VAL D 27 -20.74 16.37 9.42
C VAL D 27 -19.70 16.68 10.49
N SER D 28 -18.99 17.80 10.33
CA SER D 28 -17.96 18.18 11.29
C SER D 28 -18.57 18.49 12.66
N ALA D 29 -19.70 19.20 12.68
CA ALA D 29 -20.35 19.50 13.95
C ALA D 29 -20.81 18.22 14.64
N PHE D 30 -21.37 17.28 13.88
CA PHE D 30 -21.79 16.02 14.47
C PHE D 30 -20.60 15.25 15.03
N LEU D 31 -19.48 15.22 14.29
CA LEU D 31 -18.30 14.50 14.77
C LEU D 31 -17.74 15.12 16.04
N VAL D 32 -17.68 16.46 16.09
CA VAL D 32 -17.14 17.12 17.27
C VAL D 32 -18.06 16.91 18.46
N GLN D 33 -19.38 16.99 18.25
CA GLN D 33 -20.32 16.74 19.34
C GLN D 33 -20.20 15.31 19.85
N GLY D 34 -20.06 14.35 18.94
CA GLY D 34 -19.89 12.97 19.36
C GLY D 34 -18.61 12.76 20.15
N ALA D 35 -17.51 13.38 19.71
CA ALA D 35 -16.26 13.26 20.45
C ALA D 35 -16.37 13.87 21.84
N VAL D 36 -17.02 15.03 21.96
CA VAL D 36 -17.19 15.66 23.26
C VAL D 36 -18.06 14.79 24.17
N ALA D 37 -19.14 14.24 23.61
CA ALA D 37 -20.01 13.36 24.41
C ALA D 37 -19.28 12.12 24.87
N PHE D 38 -18.47 11.52 23.99
CA PHE D 38 -17.70 10.34 24.38
C PHE D 38 -16.69 10.66 25.46
N SER D 39 -16.03 11.82 25.36
CA SER D 39 -15.09 12.23 26.40
C SER D 39 -15.80 12.43 27.73
N LEU D 40 -16.97 13.09 27.71
CA LEU D 40 -17.72 13.30 28.95
C LEU D 40 -18.17 11.97 29.55
N LEU D 41 -18.60 11.03 28.70
CA LEU D 41 -19.02 9.73 29.20
C LEU D 41 -17.85 8.97 29.80
N GLY D 42 -16.68 9.03 29.17
CA GLY D 42 -15.50 8.38 29.71
C GLY D 42 -14.96 9.02 30.97
N THR D 43 -15.22 10.31 31.17
CA THR D 43 -14.75 10.98 32.37
C THR D 43 -15.40 10.42 33.62
N ILE D 44 -16.72 10.19 33.58
CA ILE D 44 -17.43 9.74 34.78
C ILE D 44 -17.18 8.28 35.11
N GLY D 45 -16.63 7.50 34.18
CA GLY D 45 -16.27 6.13 34.50
C GLY D 45 -16.66 5.10 33.45
N VAL D 46 -17.48 5.50 32.48
CA VAL D 46 -17.93 4.56 31.45
C VAL D 46 -16.75 4.18 30.57
N ASP D 47 -16.59 2.87 30.33
CA ASP D 47 -15.51 2.38 29.48
C ASP D 47 -15.83 2.68 28.03
N THR D 48 -15.12 3.64 27.45
CA THR D 48 -15.36 4.10 26.09
C THR D 48 -14.44 3.44 25.07
N SER D 49 -13.64 2.46 25.48
CA SER D 49 -12.74 1.80 24.54
C SER D 49 -13.47 1.07 23.41
N PRO D 50 -14.52 0.27 23.66
CA PRO D 50 -15.22 -0.35 22.52
C PRO D 50 -15.85 0.67 21.58
N LEU D 51 -16.41 1.76 22.12
CA LEU D 51 -16.99 2.79 21.27
C LEU D 51 -15.92 3.46 20.42
N ILE D 52 -14.77 3.76 21.02
CA ILE D 52 -13.67 4.37 20.28
C ILE D 52 -13.19 3.43 19.17
N ALA D 53 -13.06 2.14 19.48
CA ALA D 53 -12.62 1.18 18.48
C ALA D 53 -13.61 1.08 17.33
N ALA D 54 -14.91 1.00 17.64
CA ALA D 54 -15.91 0.91 16.58
C ALA D 54 -15.93 2.18 15.72
N ALA D 55 -15.84 3.34 16.36
CA ALA D 55 -15.83 4.59 15.61
C ALA D 55 -14.59 4.68 14.71
N GLY D 56 -13.44 4.25 15.24
CA GLY D 56 -12.24 4.27 14.42
C GLY D 56 -12.30 3.33 13.24
N VAL D 57 -12.85 2.13 13.45
CA VAL D 57 -13.00 1.18 12.35
C VAL D 57 -13.94 1.72 11.29
N THR D 58 -15.07 2.29 11.72
CA THR D 58 -16.02 2.85 10.76
C THR D 58 -15.42 4.02 10.00
N GLY D 59 -14.69 4.89 10.69
CA GLY D 59 -14.03 5.99 10.02
C GLY D 59 -12.98 5.54 9.03
N ALA D 60 -12.19 4.54 9.41
CA ALA D 60 -11.19 4.00 8.48
C ALA D 60 -11.85 3.39 7.26
N THR D 61 -12.96 2.67 7.45
CA THR D 61 -13.68 2.11 6.31
C THR D 61 -14.19 3.21 5.38
N ILE D 62 -14.78 4.27 5.95
CA ILE D 62 -15.31 5.34 5.13
C ILE D 62 -14.19 6.06 4.39
N VAL D 63 -13.07 6.29 5.06
CA VAL D 63 -11.95 6.99 4.43
C VAL D 63 -11.37 6.16 3.30
N PHE D 64 -11.17 4.86 3.55
CA PHE D 64 -10.58 4.00 2.52
C PHE D 64 -11.52 3.80 1.35
N ALA D 65 -12.84 3.80 1.60
CA ALA D 65 -13.79 3.63 0.51
C ALA D 65 -13.88 4.86 -0.37
N CYS D 66 -13.74 6.06 0.21
CA CYS D 66 -13.84 7.31 -0.54
C CYS D 66 -12.47 7.88 -0.89
N LYS D 67 -11.47 7.02 -1.07
CA LYS D 67 -10.11 7.49 -1.34
C LYS D 67 -10.04 8.26 -2.65
N ASP D 68 -10.67 7.73 -3.71
CA ASP D 68 -10.63 8.38 -5.00
C ASP D 68 -11.35 9.73 -4.97
N PHE D 69 -12.51 9.79 -4.30
CA PHE D 69 -13.25 11.03 -4.20
C PHE D 69 -12.45 12.08 -3.43
N GLY D 70 -11.84 11.68 -2.31
CA GLY D 70 -11.03 12.61 -1.55
C GLY D 70 -9.82 13.10 -2.32
N THR D 71 -9.16 12.20 -3.04
CA THR D 71 -8.01 12.60 -3.84
C THR D 71 -8.41 13.57 -4.94
N ASN D 72 -9.55 13.32 -5.61
CA ASN D 72 -10.01 14.23 -6.64
C ASN D 72 -10.36 15.59 -6.05
N PHE D 73 -11.00 15.62 -4.88
CA PHE D 73 -11.34 16.89 -4.25
C PHE D 73 -10.09 17.67 -3.89
N VAL D 74 -9.07 16.99 -3.33
CA VAL D 74 -7.84 17.67 -2.97
C VAL D 74 -7.12 18.17 -4.23
N ALA D 75 -7.16 17.39 -5.30
CA ALA D 75 -6.55 17.82 -6.56
C ALA D 75 -7.24 19.06 -7.10
N SER D 76 -8.57 19.10 -7.03
CA SER D 76 -9.30 20.30 -7.46
C SER D 76 -8.95 21.49 -6.59
N ILE D 77 -8.80 21.28 -5.28
CA ILE D 77 -8.44 22.37 -4.38
C ILE D 77 -7.06 22.92 -4.75
N VAL D 78 -6.10 22.03 -5.00
CA VAL D 78 -4.74 22.46 -5.29
C VAL D 78 -4.67 23.15 -6.64
N LEU D 79 -5.32 22.58 -7.66
CA LEU D 79 -5.21 23.09 -9.02
C LEU D 79 -5.91 24.42 -9.23
N SER D 80 -6.71 24.89 -8.26
CA SER D 80 -7.40 26.16 -8.41
C SER D 80 -6.40 27.30 -8.50
N GLY D 81 -6.64 28.21 -9.44
CA GLY D 81 -5.77 29.36 -9.66
C GLY D 81 -4.70 29.15 -10.69
N GLN D 82 -4.55 27.93 -11.22
CA GLN D 82 -3.55 27.65 -12.24
C GLN D 82 -3.82 28.47 -13.49
N GLN D 83 -2.77 29.11 -14.02
CA GLN D 83 -2.92 29.94 -15.20
C GLN D 83 -3.11 29.12 -16.47
N SER D 84 -2.51 27.93 -16.56
CA SER D 84 -2.64 27.13 -17.77
C SER D 84 -4.07 26.63 -17.96
N ILE D 85 -4.79 26.37 -16.87
CA ILE D 85 -6.16 25.86 -16.94
C ILE D 85 -7.08 27.06 -16.79
N ARG D 86 -7.48 27.63 -17.91
CA ARG D 86 -8.43 28.74 -17.95
C ARG D 86 -9.40 28.53 -19.10
N THR D 87 -10.56 29.17 -18.99
CA THR D 87 -11.58 29.04 -20.03
C THR D 87 -11.04 29.56 -21.36
N GLY D 88 -11.25 28.80 -22.42
CA GLY D 88 -10.79 29.16 -23.74
C GLY D 88 -9.35 28.82 -24.03
N ASN D 89 -8.65 28.16 -23.11
CA ASN D 89 -7.25 27.81 -23.29
C ASN D 89 -7.14 26.39 -23.85
N LEU D 90 -6.35 26.24 -24.90
CA LEU D 90 -6.13 24.94 -25.52
C LEU D 90 -5.00 24.24 -24.79
N VAL D 91 -5.31 23.13 -24.13
CA VAL D 91 -4.34 22.40 -23.32
C VAL D 91 -4.31 20.94 -23.75
N CYS D 92 -3.19 20.29 -23.47
CA CYS D 92 -2.99 18.88 -23.77
C CYS D 92 -2.50 18.18 -22.51
N ILE D 93 -3.16 17.08 -22.14
CA ILE D 93 -2.86 16.36 -20.91
C ILE D 93 -2.45 14.94 -21.27
N GLY D 94 -1.33 14.50 -20.69
CA GLY D 94 -0.83 13.16 -20.91
C GLY D 94 0.33 13.12 -21.88
N THR D 95 1.02 11.98 -21.89
CA THR D 95 2.16 11.76 -22.76
C THR D 95 2.04 10.38 -23.39
N GLY D 96 2.40 10.28 -24.67
CA GLY D 96 2.36 9.00 -25.37
C GLY D 96 0.99 8.66 -25.91
N LEU D 97 0.62 7.38 -25.84
CA LEU D 97 -0.67 6.95 -26.33
C LEU D 97 -1.80 7.52 -25.48
N ASN D 98 -1.61 7.59 -24.16
CA ASN D 98 -2.62 8.14 -23.25
C ASN D 98 -2.52 9.66 -23.23
N VAL D 99 -3.04 10.27 -24.29
CA VAL D 99 -2.99 11.71 -24.46
C VAL D 99 -4.41 12.24 -24.63
N VAL D 100 -4.64 13.45 -24.14
CA VAL D 100 -5.93 14.11 -24.20
C VAL D 100 -5.72 15.55 -24.67
N LYS D 101 -6.47 15.97 -25.68
CA LYS D 101 -6.34 17.31 -26.25
C LYS D 101 -7.71 17.96 -26.33
N GLY D 102 -7.76 19.25 -25.99
CA GLY D 102 -9.00 19.99 -26.07
C GLY D 102 -8.82 21.38 -25.49
N LYS D 103 -9.92 22.15 -25.56
CA LYS D 103 -9.97 23.50 -25.03
C LYS D 103 -10.84 23.52 -23.78
N VAL D 104 -10.34 24.17 -22.72
CA VAL D 104 -11.07 24.24 -21.47
C VAL D 104 -12.32 25.08 -21.64
N VAL D 105 -13.47 24.52 -21.28
CA VAL D 105 -14.75 25.22 -21.37
C VAL D 105 -15.37 25.43 -19.99
N ASP D 106 -15.25 24.46 -19.09
CA ASP D 106 -15.82 24.58 -17.77
C ASP D 106 -14.96 23.77 -16.80
N TRP D 107 -14.94 24.22 -15.54
CA TRP D 107 -14.18 23.55 -14.49
C TRP D 107 -15.12 23.14 -13.36
N ASP D 108 -14.86 21.95 -12.81
CA ASP D 108 -15.65 21.39 -11.73
C ASP D 108 -14.73 20.85 -10.66
N THR D 109 -15.31 20.50 -9.51
CA THR D 109 -14.55 19.94 -8.40
C THR D 109 -14.26 18.46 -8.56
N ARG D 110 -14.78 17.82 -9.62
CA ARG D 110 -14.56 16.40 -9.81
C ARG D 110 -13.98 16.12 -11.20
N TYR D 111 -14.37 16.93 -12.19
CA TYR D 111 -13.96 16.73 -13.57
C TYR D 111 -13.44 18.04 -14.16
N LEU D 112 -12.59 17.91 -15.18
CA LEU D 112 -12.16 19.02 -16.00
C LEU D 112 -12.69 18.81 -17.41
N TYR D 113 -13.42 19.80 -17.92
CA TYR D 113 -14.13 19.68 -19.19
C TYR D 113 -13.32 20.30 -20.31
N LEU D 114 -13.12 19.53 -21.39
CA LEU D 114 -12.41 19.99 -22.56
C LEU D 114 -13.26 19.75 -23.80
N ARG D 115 -13.11 20.61 -24.80
CA ARG D 115 -13.83 20.50 -26.05
C ARG D 115 -12.85 20.08 -27.14
N SER D 116 -13.12 18.94 -27.77
CA SER D 116 -12.24 18.40 -28.79
C SER D 116 -12.44 19.14 -30.11
N SER D 117 -11.64 18.75 -31.11
CA SER D 117 -11.78 19.35 -32.44
C SER D 117 -13.12 18.99 -33.06
N GLU D 118 -13.58 17.75 -32.85
CA GLU D 118 -14.87 17.32 -33.39
C GLU D 118 -16.06 17.80 -32.57
N GLY D 119 -15.81 18.40 -31.40
CA GLY D 119 -16.87 18.89 -30.56
C GLY D 119 -17.23 17.99 -29.38
N HIS D 120 -16.53 16.87 -29.22
CA HIS D 120 -16.82 15.98 -28.10
C HIS D 120 -16.36 16.62 -26.79
N LEU D 121 -17.08 16.29 -25.72
CA LEU D 121 -16.79 16.80 -24.38
C LEU D 121 -15.97 15.76 -23.63
N LEU D 122 -14.79 16.17 -23.15
CA LEU D 122 -13.87 15.29 -22.46
C LEU D 122 -13.92 15.58 -20.97
N HIS D 123 -14.05 14.54 -20.16
CA HIS D 123 -14.11 14.66 -18.71
C HIS D 123 -12.82 14.07 -18.14
N VAL D 124 -11.89 14.94 -17.80
CA VAL D 124 -10.58 14.54 -17.26
C VAL D 124 -10.62 14.77 -15.76
N PRO D 125 -10.42 13.73 -14.94
CA PRO D 125 -10.41 13.92 -13.49
C PRO D 125 -9.24 14.80 -13.06
N ASN D 126 -9.46 15.55 -11.98
CA ASN D 126 -8.41 16.43 -11.47
C ASN D 126 -7.20 15.65 -10.99
N ASN D 127 -7.42 14.43 -10.49
CA ASN D 127 -6.29 13.58 -10.11
C ASN D 127 -5.42 13.25 -11.31
N MET D 128 -6.04 12.97 -12.46
CA MET D 128 -5.26 12.74 -13.68
C MET D 128 -4.53 14.01 -14.12
N VAL D 129 -5.12 15.18 -13.87
CA VAL D 129 -4.49 16.44 -14.26
C VAL D 129 -3.27 16.71 -13.41
N LEU D 130 -3.35 16.44 -12.10
CA LEU D 130 -2.24 16.76 -11.21
C LEU D 130 -0.99 15.96 -11.56
N ASN D 131 -1.12 14.64 -11.64
CA ASN D 131 0.04 13.78 -11.91
C ASN D 131 0.18 13.44 -13.39
N SER D 132 0.30 14.48 -14.22
CA SER D 132 0.53 14.29 -15.65
C SER D 132 1.16 15.54 -16.21
N VAL D 133 1.79 15.39 -17.39
CA VAL D 133 2.40 16.52 -18.07
C VAL D 133 1.31 17.31 -18.79
N VAL D 134 1.25 18.61 -18.52
CA VAL D 134 0.26 19.50 -19.11
C VAL D 134 0.96 20.35 -20.16
N THR D 135 0.44 20.31 -21.39
CA THR D 135 0.98 21.08 -22.51
C THR D 135 -0.03 22.18 -22.86
N TRP D 136 0.42 23.43 -22.78
CA TRP D 136 -0.43 24.58 -23.07
C TRP D 136 0.20 25.40 -24.19
N GLU D 137 -0.59 25.66 -25.22
CA GLU D 137 -0.11 26.43 -26.37
C GLU D 137 -0.02 27.92 -26.03
N MET E 1 4.24 32.17 19.06
CA MET E 1 4.61 30.86 18.52
C MET E 1 4.60 30.89 17.00
N LYS E 2 3.69 31.68 16.42
CA LYS E 2 3.66 31.86 14.98
C LYS E 2 4.95 32.49 14.48
N ARG E 3 5.46 33.49 15.20
CA ARG E 3 6.73 34.10 14.82
C ARG E 3 7.87 33.10 14.90
N PHE E 4 7.89 32.27 15.94
CA PHE E 4 8.94 31.25 16.05
C PHE E 4 8.88 30.26 14.90
N PHE E 5 7.67 29.80 14.56
CA PHE E 5 7.54 28.85 13.45
C PHE E 5 7.93 29.49 12.13
N ASN E 6 7.56 30.75 11.91
CA ASN E 6 7.94 31.44 10.69
C ASN E 6 9.46 31.58 10.59
N ARG E 7 10.11 31.95 11.70
CA ARG E 7 11.56 32.08 11.70
C ARG E 7 12.22 30.73 11.44
N PHE E 8 11.69 29.66 12.04
CA PHE E 8 12.24 28.32 11.81
C PHE E 8 12.13 27.94 10.34
N TYR E 9 10.95 28.13 9.75
CA TYR E 9 10.74 27.75 8.34
C TYR E 9 11.63 28.58 7.42
N LEU E 10 11.76 29.89 7.71
CA LEU E 10 12.63 30.73 6.89
C LEU E 10 14.09 30.32 7.00
N ASP E 11 14.54 29.99 8.22
CA ASP E 11 15.94 29.64 8.42
C ASP E 11 16.28 28.31 7.74
N THR E 12 15.44 27.29 7.94
CA THR E 12 15.73 25.99 7.32
C THR E 12 15.44 25.98 5.82
N GLY E 13 14.73 27.00 5.31
CA GLY E 13 14.46 27.06 3.89
C GLY E 13 13.44 26.07 3.39
N ILE E 14 12.65 25.45 4.29
CA ILE E 14 11.64 24.50 3.86
C ILE E 14 10.58 25.20 3.01
N ILE E 15 10.13 26.37 3.45
CA ILE E 15 9.14 27.16 2.73
C ILE E 15 9.72 28.54 2.46
N ALA E 16 9.67 28.97 1.20
CA ALA E 16 10.17 30.28 0.81
C ALA E 16 9.07 31.27 0.47
N ASP E 17 7.89 30.81 0.08
CA ASP E 17 6.79 31.71 -0.23
C ASP E 17 6.24 32.30 1.05
N PRO E 18 6.17 33.63 1.18
CA PRO E 18 5.66 34.22 2.44
C PRO E 18 4.26 33.78 2.81
N SER E 19 3.36 33.63 1.82
CA SER E 19 1.99 33.23 2.12
C SER E 19 1.95 31.79 2.62
N GLN E 20 2.63 30.89 1.93
CA GLN E 20 2.67 29.49 2.37
C GLN E 20 3.35 29.37 3.72
N ARG E 21 4.43 30.15 3.94
CA ARG E 21 5.11 30.12 5.23
C ARG E 21 4.20 30.58 6.35
N SER E 22 3.46 31.67 6.12
CA SER E 22 2.54 32.17 7.15
C SER E 22 1.43 31.16 7.43
N LEU E 23 0.86 30.55 6.38
CA LEU E 23 -0.18 29.56 6.59
C LEU E 23 0.33 28.36 7.37
N ALA E 24 1.52 27.87 7.02
CA ALA E 24 2.10 26.73 7.73
C ALA E 24 2.43 27.08 9.17
N SER E 25 2.92 28.30 9.41
CA SER E 25 3.19 28.73 10.78
C SER E 25 1.92 28.77 11.61
N ARG E 26 0.84 29.31 11.03
CA ARG E 26 -0.44 29.34 11.74
C ARG E 26 -0.94 27.93 12.04
N VAL E 27 -0.83 27.03 11.05
CA VAL E 27 -1.31 25.66 11.25
C VAL E 27 -0.51 24.97 12.35
N SER E 28 0.82 25.13 12.33
CA SER E 28 1.67 24.50 13.33
C SER E 28 1.41 25.07 14.72
N ALA E 29 1.23 26.38 14.82
CA ALA E 29 0.93 26.99 16.12
C ALA E 29 -0.40 26.48 16.65
N PHE E 30 -1.41 26.39 15.79
CA PHE E 30 -2.71 25.89 16.22
C PHE E 30 -2.60 24.44 16.69
N LEU E 31 -1.85 23.61 15.96
CA LEU E 31 -1.71 22.21 16.34
C LEU E 31 -0.99 22.07 17.68
N VAL E 32 0.07 22.85 17.89
CA VAL E 32 0.82 22.77 19.14
C VAL E 32 -0.05 23.26 20.30
N GLN E 33 -0.79 24.35 20.10
CA GLN E 33 -1.68 24.84 21.15
C GLN E 33 -2.75 23.82 21.49
N GLY E 34 -3.32 23.18 20.46
CA GLY E 34 -4.32 22.14 20.72
C GLY E 34 -3.75 20.96 21.48
N ALA E 35 -2.54 20.53 21.12
CA ALA E 35 -1.91 19.43 21.84
C ALA E 35 -1.65 19.80 23.29
N VAL E 36 -1.17 21.01 23.55
CA VAL E 36 -0.92 21.45 24.92
C VAL E 36 -2.21 21.52 25.71
N ALA E 37 -3.28 22.05 25.09
CA ALA E 37 -4.56 22.12 25.78
C ALA E 37 -5.11 20.74 26.09
N PHE E 38 -4.97 19.80 25.14
CA PHE E 38 -5.45 18.44 25.39
C PHE E 38 -4.65 17.78 26.51
N SER E 39 -3.34 17.99 26.55
CA SER E 39 -2.53 17.45 27.63
C SER E 39 -2.94 18.03 28.98
N LEU E 40 -3.17 19.34 29.03
CA LEU E 40 -3.60 19.97 30.28
C LEU E 40 -4.97 19.45 30.72
N LEU E 41 -5.89 19.26 29.77
CA LEU E 41 -7.20 18.73 30.10
C LEU E 41 -7.11 17.30 30.62
N GLY E 42 -6.25 16.48 30.00
CA GLY E 42 -6.07 15.12 30.46
C GLY E 42 -5.35 15.00 31.79
N THR E 43 -4.54 16.00 32.14
CA THR E 43 -3.83 15.96 33.42
C THR E 43 -4.81 16.02 34.58
N ILE E 44 -5.80 16.91 34.52
CA ILE E 44 -6.71 17.10 35.66
C ILE E 44 -7.71 15.96 35.80
N GLY E 45 -7.88 15.12 34.80
CA GLY E 45 -8.74 13.96 34.94
C GLY E 45 -9.69 13.70 33.78
N VAL E 46 -9.80 14.65 32.86
CA VAL E 46 -10.70 14.49 31.73
C VAL E 46 -10.18 13.39 30.81
N ASP E 47 -11.07 12.48 30.41
CA ASP E 47 -10.68 11.39 29.52
C ASP E 47 -10.52 11.94 28.11
N THR E 48 -9.27 12.02 27.66
CA THR E 48 -8.94 12.60 26.36
C THR E 48 -8.77 11.54 25.27
N SER E 49 -9.08 10.28 25.56
CA SER E 49 -8.93 9.23 24.55
C SER E 49 -9.84 9.43 23.35
N PRO E 50 -11.14 9.72 23.49
CA PRO E 50 -11.95 9.97 22.28
C PRO E 50 -11.47 11.16 21.47
N LEU E 51 -11.04 12.24 22.13
CA LEU E 51 -10.53 13.40 21.41
C LEU E 51 -9.26 13.05 20.65
N ILE E 52 -8.37 12.29 21.28
CA ILE E 52 -7.13 11.87 20.62
C ILE E 52 -7.46 11.00 19.41
N ALA E 53 -8.39 10.07 19.57
CA ALA E 53 -8.76 9.20 18.46
C ALA E 53 -9.35 9.98 17.30
N ALA E 54 -10.26 10.92 17.60
CA ALA E 54 -10.86 11.72 16.54
C ALA E 54 -9.82 12.59 15.83
N ALA E 55 -8.93 13.21 16.60
CA ALA E 55 -7.87 14.03 16.01
C ALA E 55 -6.95 13.19 15.13
N GLY E 56 -6.60 11.99 15.60
CA GLY E 56 -5.75 11.13 14.80
C GLY E 56 -6.41 10.68 13.52
N VAL E 57 -7.71 10.34 13.58
CA VAL E 57 -8.42 9.93 12.38
C VAL E 57 -8.50 11.09 11.39
N THR E 58 -8.82 12.29 11.88
CA THR E 58 -8.89 13.45 10.99
C THR E 58 -7.53 13.76 10.37
N GLY E 59 -6.47 13.68 11.16
CA GLY E 59 -5.14 13.93 10.63
C GLY E 59 -4.73 12.90 9.60
N ALA E 60 -5.05 11.63 9.85
CA ALA E 60 -4.75 10.58 8.87
C ALA E 60 -5.52 10.80 7.58
N THR E 61 -6.79 11.20 7.68
CA THR E 61 -7.57 11.50 6.49
C THR E 61 -6.96 12.64 5.70
N ILE E 62 -6.57 13.72 6.38
CA ILE E 62 -5.99 14.87 5.70
C ILE E 62 -4.66 14.50 5.05
N VAL E 63 -3.84 13.72 5.74
CA VAL E 63 -2.53 13.33 5.20
C VAL E 63 -2.71 12.44 3.98
N PHE E 64 -3.60 11.45 4.07
CA PHE E 64 -3.81 10.53 2.96
C PHE E 64 -4.45 11.23 1.76
N ALA E 65 -5.30 12.23 2.01
CA ALA E 65 -5.93 12.95 0.91
C ALA E 65 -4.95 13.85 0.18
N CYS E 66 -3.99 14.45 0.89
CA CYS E 66 -3.02 15.36 0.30
C CYS E 66 -1.68 14.69 0.02
N LYS E 67 -1.70 13.38 -0.25
CA LYS E 67 -0.45 12.64 -0.46
C LYS E 67 0.30 13.17 -1.68
N ASP E 68 -0.40 13.39 -2.79
CA ASP E 68 0.25 13.87 -4.00
C ASP E 68 0.83 15.27 -3.80
N PHE E 69 0.07 16.15 -3.14
CA PHE E 69 0.58 17.50 -2.89
C PHE E 69 1.81 17.47 -2.00
N GLY E 70 1.78 16.67 -0.93
CA GLY E 70 2.94 16.58 -0.07
C GLY E 70 4.15 16.00 -0.77
N THR E 71 3.94 14.97 -1.59
CA THR E 71 5.04 14.37 -2.34
C THR E 71 5.64 15.38 -3.31
N ASN E 72 4.80 16.15 -4.01
CA ASN E 72 5.31 17.16 -4.93
C ASN E 72 6.08 18.25 -4.18
N PHE E 73 5.58 18.66 -3.02
CA PHE E 73 6.30 19.67 -2.24
C PHE E 73 7.65 19.17 -1.78
N VAL E 74 7.71 17.92 -1.31
CA VAL E 74 8.99 17.35 -0.87
C VAL E 74 9.94 17.20 -2.06
N ALA E 75 9.41 16.82 -3.22
CA ALA E 75 10.25 16.71 -4.41
C ALA E 75 10.82 18.05 -4.81
N SER E 76 10.00 19.11 -4.73
CA SER E 76 10.51 20.45 -5.01
C SER E 76 11.57 20.87 -4.01
N ILE E 77 11.38 20.52 -2.74
CA ILE E 77 12.36 20.86 -1.71
C ILE E 77 13.68 20.16 -2.01
N VAL E 78 13.63 18.88 -2.36
CA VAL E 78 14.84 18.11 -2.59
C VAL E 78 15.55 18.57 -3.86
N LEU E 79 14.80 18.81 -4.94
CA LEU E 79 15.38 19.13 -6.23
C LEU E 79 15.99 20.53 -6.28
N SER E 80 15.76 21.37 -5.26
CA SER E 80 16.32 22.71 -5.26
C SER E 80 17.83 22.65 -5.21
N GLY E 81 18.48 23.48 -6.04
CA GLY E 81 19.92 23.54 -6.12
C GLY E 81 20.54 22.65 -7.17
N GLN E 82 19.74 21.81 -7.83
CA GLN E 82 20.25 20.93 -8.87
C GLN E 82 20.83 21.75 -10.02
N GLN E 83 22.03 21.37 -10.47
CA GLN E 83 22.69 22.09 -11.54
C GLN E 83 22.06 21.83 -12.91
N SER E 84 21.53 20.62 -13.13
CA SER E 84 20.93 20.31 -14.42
C SER E 84 19.67 21.11 -14.68
N ILE E 85 18.91 21.44 -13.63
CA ILE E 85 17.67 22.18 -13.76
C ILE E 85 18.00 23.64 -13.47
N ARG E 86 18.29 24.40 -14.52
CA ARG E 86 18.55 25.82 -14.42
C ARG E 86 17.89 26.53 -15.60
N THR E 87 17.64 27.82 -15.42
CA THR E 87 17.01 28.61 -16.46
C THR E 87 17.87 28.62 -17.72
N GLY E 88 17.24 28.38 -18.86
CA GLY E 88 17.94 28.34 -20.13
C GLY E 88 18.61 27.03 -20.46
N ASN E 89 18.46 26.01 -19.62
CA ASN E 89 19.08 24.72 -19.84
C ASN E 89 18.11 23.78 -20.56
N LEU E 90 18.58 23.15 -21.63
CA LEU E 90 17.78 22.22 -22.39
C LEU E 90 17.89 20.84 -21.75
N VAL E 91 16.77 20.34 -21.22
CA VAL E 91 16.75 19.07 -20.50
C VAL E 91 15.67 18.17 -21.10
N CYS E 92 15.85 16.87 -20.90
CA CYS E 92 14.91 15.85 -21.37
C CYS E 92 14.57 14.94 -20.20
N ILE E 93 13.28 14.75 -19.96
CA ILE E 93 12.78 13.98 -18.83
C ILE E 93 11.98 12.79 -19.35
N GLY E 94 12.29 11.61 -18.82
CA GLY E 94 11.59 10.39 -19.20
C GLY E 94 12.39 9.54 -20.17
N THR E 95 11.94 8.29 -20.31
CA THR E 95 12.55 7.33 -21.20
C THR E 95 11.47 6.60 -21.99
N GLY E 96 11.75 6.36 -23.27
CA GLY E 96 10.82 5.64 -24.12
C GLY E 96 9.74 6.54 -24.70
N LEU E 97 8.51 6.01 -24.78
CA LEU E 97 7.40 6.79 -25.32
C LEU E 97 7.06 7.96 -24.41
N ASN E 98 7.11 7.76 -23.09
CA ASN E 98 6.80 8.82 -22.13
C ASN E 98 8.04 9.69 -21.92
N VAL E 99 8.29 10.55 -22.91
CA VAL E 99 9.45 11.43 -22.90
C VAL E 99 8.98 12.88 -23.01
N VAL E 100 9.73 13.78 -22.38
CA VAL E 100 9.43 15.21 -22.37
C VAL E 100 10.71 15.96 -22.66
N LYS E 101 10.66 16.88 -23.62
CA LYS E 101 11.82 17.66 -24.02
C LYS E 101 11.48 19.15 -24.02
N GLY E 102 12.41 19.95 -23.53
CA GLY E 102 12.21 21.39 -23.53
C GLY E 102 13.34 22.08 -22.79
N LYS E 103 13.24 23.41 -22.77
CA LYS E 103 14.21 24.27 -22.08
C LYS E 103 13.57 24.86 -20.84
N VAL E 104 14.28 24.80 -19.72
CA VAL E 104 13.75 25.31 -18.46
C VAL E 104 13.64 26.83 -18.54
N VAL E 105 12.45 27.34 -18.24
CA VAL E 105 12.19 28.78 -18.25
C VAL E 105 11.83 29.30 -16.86
N ASP E 106 11.08 28.53 -16.08
CA ASP E 106 10.67 28.95 -14.76
C ASP E 106 10.51 27.72 -13.89
N TRP E 107 10.73 27.88 -12.59
CA TRP E 107 10.62 26.80 -11.62
C TRP E 107 9.59 27.18 -10.55
N ASP E 108 8.79 26.20 -10.15
CA ASP E 108 7.76 26.39 -9.14
C ASP E 108 7.82 25.25 -8.14
N THR E 109 7.08 25.41 -7.05
CA THR E 109 7.01 24.39 -6.00
C THR E 109 6.07 23.24 -6.34
N ARG E 110 5.35 23.32 -7.46
CA ARG E 110 4.41 22.27 -7.83
C ARG E 110 4.70 21.76 -9.24
N TYR E 111 5.17 22.64 -10.12
CA TYR E 111 5.40 22.29 -11.51
C TYR E 111 6.79 22.75 -11.94
N LEU E 112 7.31 22.09 -12.97
CA LEU E 112 8.53 22.51 -13.65
C LEU E 112 8.17 22.89 -15.08
N TYR E 113 8.52 24.11 -15.47
CA TYR E 113 8.09 24.67 -16.75
C TYR E 113 9.19 24.52 -17.78
N LEU E 114 8.83 23.97 -18.95
CA LEU E 114 9.74 23.79 -20.05
C LEU E 114 9.12 24.39 -21.32
N ARG E 115 9.98 24.88 -22.20
CA ARG E 115 9.57 25.47 -23.46
C ARG E 115 9.95 24.52 -24.60
N SER E 116 8.96 24.07 -25.36
CA SER E 116 9.19 23.12 -26.43
C SER E 116 9.76 23.83 -27.66
N SER E 117 10.06 23.04 -28.69
CA SER E 117 10.55 23.61 -29.94
C SER E 117 9.49 24.49 -30.60
N GLU E 118 8.23 24.05 -30.54
CA GLU E 118 7.14 24.81 -31.13
C GLU E 118 6.69 25.98 -30.26
N GLY E 119 7.18 26.08 -29.03
CA GLY E 119 6.82 27.15 -28.13
C GLY E 119 5.79 26.78 -27.08
N HIS E 120 5.35 25.52 -27.04
CA HIS E 120 4.38 25.11 -26.04
C HIS E 120 5.03 25.06 -24.66
N LEU E 121 4.23 25.34 -23.64
CA LEU E 121 4.68 25.33 -22.25
C LEU E 121 4.32 23.99 -21.63
N LEU E 122 5.34 23.29 -21.10
CA LEU E 122 5.17 21.97 -20.52
C LEU E 122 5.24 22.08 -19.00
N HIS E 123 4.27 21.48 -18.33
CA HIS E 123 4.18 21.49 -16.86
C HIS E 123 4.49 20.09 -16.37
N VAL E 124 5.73 19.87 -15.93
CA VAL E 124 6.18 18.58 -15.44
C VAL E 124 6.19 18.63 -13.91
N PRO E 125 5.43 17.77 -13.23
CA PRO E 125 5.46 17.77 -11.76
C PRO E 125 6.83 17.38 -11.23
N ASN E 126 7.17 17.95 -10.07
CA ASN E 126 8.46 17.64 -9.45
C ASN E 126 8.58 16.18 -9.07
N ASN E 127 7.45 15.55 -8.72
CA ASN E 127 7.47 14.11 -8.44
C ASN E 127 7.88 13.32 -9.67
N MET E 128 7.38 13.70 -10.85
CA MET E 128 7.81 13.06 -12.08
C MET E 128 9.28 13.31 -12.37
N VAL E 129 9.78 14.48 -11.98
CA VAL E 129 11.19 14.80 -12.22
C VAL E 129 12.10 13.97 -11.34
N LEU E 130 11.71 13.76 -10.07
CA LEU E 130 12.58 13.04 -9.14
C LEU E 130 12.78 11.59 -9.58
N ASN E 131 11.69 10.87 -9.83
CA ASN E 131 11.77 9.45 -10.19
C ASN E 131 11.74 9.25 -11.70
N SER E 132 12.70 9.85 -12.40
CA SER E 132 12.82 9.66 -13.84
C SER E 132 14.25 9.99 -14.25
N VAL E 133 14.62 9.49 -15.43
CA VAL E 133 15.95 9.79 -15.97
C VAL E 133 15.94 11.17 -16.60
N VAL E 134 16.88 12.01 -16.18
CA VAL E 134 17.00 13.38 -16.66
C VAL E 134 18.19 13.45 -17.60
N THR E 135 17.96 13.92 -18.83
CA THR E 135 18.99 14.06 -19.84
C THR E 135 19.24 15.55 -20.06
N TRP E 136 20.48 15.98 -19.84
CA TRP E 136 20.85 17.38 -19.99
C TRP E 136 21.99 17.48 -21.00
N GLU E 137 21.80 18.34 -22.00
CA GLU E 137 22.80 18.53 -23.05
C GLU E 137 23.96 19.36 -22.53
N MET F 1 25.70 15.42 22.75
CA MET F 1 24.98 14.35 22.06
C MET F 1 25.14 14.48 20.56
N LYS F 2 25.23 15.73 20.08
CA LYS F 2 25.48 15.96 18.66
C LYS F 2 26.82 15.39 18.25
N ARG F 3 27.85 15.57 19.08
CA ARG F 3 29.16 14.99 18.78
C ARG F 3 29.10 13.48 18.74
N PHE F 4 28.37 12.86 19.68
CA PHE F 4 28.24 11.41 19.67
C PHE F 4 27.54 10.92 18.41
N PHE F 5 26.45 11.59 18.01
CA PHE F 5 25.75 11.19 16.80
C PHE F 5 26.61 11.37 15.56
N ASN F 6 27.36 12.47 15.50
CA ASN F 6 28.26 12.69 14.36
C ASN F 6 29.33 11.62 14.29
N ARG F 7 29.92 11.26 15.44
CA ARG F 7 30.92 10.21 15.45
C ARG F 7 30.33 8.87 15.04
N PHE F 8 29.12 8.57 15.50
CA PHE F 8 28.44 7.33 15.11
C PHE F 8 28.22 7.28 13.61
N TYR F 9 27.67 8.36 13.04
CA TYR F 9 27.40 8.38 11.61
C TYR F 9 28.68 8.28 10.79
N LEU F 10 29.74 8.96 11.23
CA LEU F 10 31.02 8.89 10.52
C LEU F 10 31.61 7.48 10.59
N ASP F 11 31.52 6.84 11.76
CA ASP F 11 32.11 5.51 11.91
C ASP F 11 31.36 4.46 11.09
N THR F 12 30.03 4.46 11.15
CA THR F 12 29.26 3.48 10.39
C THR F 12 29.21 3.82 8.90
N GLY F 13 29.60 5.03 8.51
CA GLY F 13 29.61 5.39 7.11
C GLY F 13 28.24 5.60 6.49
N ILE F 14 27.20 5.76 7.31
CA ILE F 14 25.87 5.99 6.77
C ILE F 14 25.82 7.31 6.01
N ILE F 15 26.40 8.35 6.58
CA ILE F 15 26.45 9.68 5.96
C ILE F 15 27.91 10.10 5.86
N ALA F 16 28.32 10.49 4.65
CA ALA F 16 29.68 10.96 4.42
C ALA F 16 29.79 12.46 4.20
N ASP F 17 28.73 13.11 3.76
CA ASP F 17 28.75 14.55 3.55
C ASP F 17 28.76 15.26 4.90
N PRO F 18 29.72 16.14 5.18
CA PRO F 18 29.73 16.80 6.50
C PRO F 18 28.48 17.60 6.81
N SER F 19 27.90 18.27 5.81
CA SER F 19 26.70 19.06 6.05
C SER F 19 25.51 18.17 6.38
N GLN F 20 25.30 17.12 5.59
CA GLN F 20 24.21 16.18 5.86
C GLN F 20 24.43 15.48 7.20
N ARG F 21 25.68 15.11 7.50
CA ARG F 21 25.96 14.47 8.78
C ARG F 21 25.65 15.39 9.95
N SER F 22 26.03 16.66 9.84
CA SER F 22 25.74 17.61 10.92
C SER F 22 24.25 17.81 11.09
N LEU F 23 23.52 17.95 9.97
CA LEU F 23 22.08 18.13 10.05
C LEU F 23 21.40 16.92 10.69
N ALA F 24 21.80 15.72 10.29
CA ALA F 24 21.22 14.51 10.86
C ALA F 24 21.56 14.37 12.33
N SER F 25 22.79 14.73 12.71
CA SER F 25 23.16 14.68 14.12
C SER F 25 22.32 15.65 14.95
N ARG F 26 22.11 16.86 14.43
CA ARG F 26 21.26 17.82 15.14
C ARG F 26 19.83 17.31 15.26
N VAL F 27 19.30 16.74 14.18
CA VAL F 27 17.92 16.23 14.22
C VAL F 27 17.79 15.09 15.23
N SER F 28 18.75 14.17 15.23
CA SER F 28 18.70 13.04 16.15
C SER F 28 18.84 13.50 17.60
N ALA F 29 19.75 14.45 17.86
CA ALA F 29 19.90 14.97 19.21
C ALA F 29 18.62 15.65 19.68
N PHE F 30 17.99 16.44 18.81
CA PHE F 30 16.75 17.10 19.18
C PHE F 30 15.65 16.08 19.47
N LEU F 31 15.55 15.03 18.64
CA LEU F 31 14.53 14.01 18.86
C LEU F 31 14.75 13.27 20.18
N VAL F 32 16.00 12.92 20.47
CA VAL F 32 16.28 12.20 21.71
C VAL F 32 16.02 13.08 22.92
N GLN F 33 16.40 14.36 22.85
CA GLN F 33 16.14 15.28 23.95
C GLN F 33 14.63 15.46 24.15
N GLY F 34 13.88 15.57 23.07
CA GLY F 34 12.43 15.68 23.19
C GLY F 34 11.80 14.45 23.81
N ALA F 35 12.27 13.27 23.40
CA ALA F 35 11.74 12.03 23.99
C ALA F 35 12.05 11.95 25.48
N VAL F 36 13.27 12.32 25.88
CA VAL F 36 13.64 12.30 27.29
C VAL F 36 12.80 13.29 28.08
N ALA F 37 12.60 14.50 27.53
CA ALA F 37 11.79 15.49 28.21
C ALA F 37 10.35 15.03 28.36
N PHE F 38 9.80 14.40 27.31
CA PHE F 38 8.43 13.90 27.39
C PHE F 38 8.31 12.79 28.42
N SER F 39 9.30 11.90 28.49
CA SER F 39 9.27 10.85 29.50
C SER F 39 9.34 11.44 30.91
N LEU F 40 10.21 12.43 31.11
CA LEU F 40 10.31 13.07 32.43
C LEU F 40 9.00 13.77 32.80
N LEU F 41 8.37 14.44 31.83
CA LEU F 41 7.10 15.10 32.10
C LEU F 41 6.02 14.10 32.44
N GLY F 42 5.97 12.96 31.73
CA GLY F 42 4.99 11.94 32.02
C GLY F 42 5.23 11.21 33.33
N THR F 43 6.48 11.19 33.80
CA THR F 43 6.78 10.52 35.07
C THR F 43 6.10 11.23 36.23
N ILE F 44 6.17 12.56 36.27
CA ILE F 44 5.63 13.30 37.42
C ILE F 44 4.11 13.36 37.43
N GLY F 45 3.45 13.03 36.33
CA GLY F 45 2.00 12.97 36.33
C GLY F 45 1.31 13.62 35.15
N VAL F 46 2.06 14.37 34.35
CA VAL F 46 1.47 15.06 33.20
C VAL F 46 1.04 14.04 32.16
N ASP F 47 -0.18 14.18 31.66
CA ASP F 47 -0.71 13.27 30.64
C ASP F 47 -0.05 13.58 29.31
N THR F 48 0.85 12.70 28.87
CA THR F 48 1.62 12.91 27.65
C THR F 48 1.02 12.19 26.44
N SER F 49 -0.17 11.61 26.58
CA SER F 49 -0.80 10.92 25.45
C SER F 49 -1.10 11.84 24.28
N PRO F 50 -1.71 13.02 24.45
CA PRO F 50 -1.91 13.89 23.28
C PRO F 50 -0.62 14.32 22.62
N LEU F 51 0.43 14.62 23.41
CA LEU F 51 1.70 14.99 22.83
C LEU F 51 2.31 13.85 22.03
N ILE F 52 2.23 12.63 22.57
CA ILE F 52 2.74 11.46 21.87
C ILE F 52 1.98 11.25 20.57
N ALA F 53 0.65 11.38 20.61
CA ALA F 53 -0.15 11.21 19.40
C ALA F 53 0.19 12.25 18.35
N ALA F 54 0.32 13.52 18.75
CA ALA F 54 0.67 14.56 17.79
C ALA F 54 2.06 14.34 17.20
N ALA F 55 3.03 13.98 18.04
CA ALA F 55 4.38 13.72 17.54
C ALA F 55 4.39 12.54 16.58
N GLY F 56 3.64 11.48 16.90
CA GLY F 56 3.58 10.34 16.01
C GLY F 56 2.94 10.67 14.68
N VAL F 57 1.86 11.45 14.69
CA VAL F 57 1.20 11.85 13.45
C VAL F 57 2.14 12.71 12.60
N THR F 58 2.83 13.67 13.23
CA THR F 58 3.76 14.51 12.49
C THR F 58 4.90 13.70 11.91
N GLY F 59 5.45 12.76 12.70
CA GLY F 59 6.52 11.92 12.19
C GLY F 59 6.07 11.04 11.05
N ALA F 60 4.87 10.47 11.15
CA ALA F 60 4.35 9.66 10.06
C ALA F 60 4.15 10.49 8.80
N THR F 61 3.65 11.72 8.94
CA THR F 61 3.50 12.60 7.79
C THR F 61 4.84 12.89 7.14
N ILE F 62 5.86 13.21 7.95
CA ILE F 62 7.17 13.53 7.41
C ILE F 62 7.77 12.32 6.72
N VAL F 63 7.64 11.14 7.32
CA VAL F 63 8.20 9.93 6.74
C VAL F 63 7.51 9.59 5.42
N PHE F 64 6.19 9.66 5.40
CA PHE F 64 5.45 9.33 4.18
C PHE F 64 5.71 10.35 3.07
N ALA F 65 5.92 11.61 3.44
CA ALA F 65 6.18 12.64 2.43
C ALA F 65 7.56 12.49 1.81
N CYS F 66 8.55 12.06 2.59
CA CYS F 66 9.92 11.92 2.12
C CYS F 66 10.27 10.48 1.76
N LYS F 67 9.28 9.70 1.34
CA LYS F 67 9.51 8.29 1.04
C LYS F 67 10.50 8.12 -0.10
N ASP F 68 10.34 8.89 -1.18
CA ASP F 68 11.24 8.76 -2.32
C ASP F 68 12.66 9.17 -1.96
N PHE F 69 12.80 10.26 -1.20
CA PHE F 69 14.14 10.70 -0.79
C PHE F 69 14.81 9.66 0.10
N GLY F 70 14.07 9.10 1.06
CA GLY F 70 14.64 8.08 1.91
C GLY F 70 15.03 6.83 1.15
N THR F 71 14.18 6.41 0.21
CA THR F 71 14.48 5.24 -0.60
C THR F 71 15.73 5.46 -1.45
N ASN F 72 15.85 6.66 -2.05
CA ASN F 72 17.04 6.96 -2.84
C ASN F 72 18.29 6.98 -1.97
N PHE F 73 18.20 7.55 -0.77
CA PHE F 73 19.35 7.56 0.13
C PHE F 73 19.77 6.15 0.52
N VAL F 74 18.80 5.30 0.85
CA VAL F 74 19.13 3.92 1.22
C VAL F 74 19.72 3.17 0.02
N ALA F 75 19.20 3.43 -1.18
CA ALA F 75 19.75 2.80 -2.37
C ALA F 75 21.19 3.23 -2.60
N SER F 76 21.48 4.50 -2.40
CA SER F 76 22.86 4.98 -2.52
C SER F 76 23.75 4.34 -1.48
N ILE F 77 23.24 4.18 -0.26
CA ILE F 77 24.03 3.55 0.81
C ILE F 77 24.35 2.11 0.43
N VAL F 78 23.36 1.37 -0.07
CA VAL F 78 23.55 -0.04 -0.39
C VAL F 78 24.48 -0.20 -1.59
N LEU F 79 24.28 0.62 -2.63
CA LEU F 79 25.03 0.46 -3.87
C LEU F 79 26.49 0.86 -3.76
N SER F 80 26.89 1.49 -2.65
CA SER F 80 28.28 1.89 -2.49
C SER F 80 29.19 0.67 -2.44
N GLY F 81 30.31 0.74 -3.17
CA GLY F 81 31.27 -0.33 -3.23
C GLY F 81 31.06 -1.29 -4.38
N GLN F 82 29.98 -1.14 -5.14
CA GLN F 82 29.73 -2.01 -6.28
C GLN F 82 30.82 -1.87 -7.32
N GLN F 83 31.33 -3.01 -7.81
CA GLN F 83 32.41 -2.99 -8.78
C GLN F 83 31.93 -2.57 -10.17
N SER F 84 30.69 -2.89 -10.54
CA SER F 84 30.19 -2.53 -11.86
C SER F 84 30.04 -1.03 -12.03
N ILE F 85 29.72 -0.31 -10.95
CA ILE F 85 29.52 1.13 -10.99
C ILE F 85 30.82 1.76 -10.53
N ARG F 86 31.69 2.09 -11.48
CA ARG F 86 32.95 2.76 -11.21
C ARG F 86 33.19 3.81 -12.30
N THR F 87 34.01 4.80 -11.97
CA THR F 87 34.33 5.86 -12.91
C THR F 87 34.99 5.29 -14.16
N GLY F 88 34.51 5.72 -15.32
CA GLY F 88 35.04 5.24 -16.58
C GLY F 88 34.48 3.92 -17.06
N ASN F 89 33.51 3.34 -16.35
CA ASN F 89 32.94 2.07 -16.72
C ASN F 89 31.67 2.29 -17.55
N LEU F 90 31.58 1.60 -18.68
CA LEU F 90 30.42 1.70 -19.56
C LEU F 90 29.37 0.70 -19.08
N VAL F 91 28.23 1.23 -18.62
CA VAL F 91 27.17 0.40 -18.05
C VAL F 91 25.86 0.72 -18.76
N CYS F 92 24.95 -0.25 -18.71
CA CYS F 92 23.62 -0.12 -19.30
C CYS F 92 22.59 -0.51 -18.25
N ILE F 93 21.59 0.35 -18.04
CA ILE F 93 20.59 0.17 -17.00
C ILE F 93 19.22 0.09 -17.66
N GLY F 94 18.45 -0.92 -17.28
CA GLY F 94 17.11 -1.11 -17.80
C GLY F 94 17.04 -2.21 -18.86
N THR F 95 15.81 -2.62 -19.15
CA THR F 95 15.54 -3.63 -20.15
C THR F 95 14.38 -3.19 -21.02
N GLY F 96 14.48 -3.46 -22.32
CA GLY F 96 13.42 -3.12 -23.25
C GLY F 96 13.48 -1.68 -23.73
N LEU F 97 12.31 -1.05 -23.87
CA LEU F 97 12.27 0.34 -24.32
C LEU F 97 12.87 1.28 -23.28
N ASN F 98 12.63 1.01 -21.99
CA ASN F 98 13.16 1.83 -20.91
C ASN F 98 14.59 1.40 -20.60
N VAL F 99 15.51 1.83 -21.47
CA VAL F 99 16.91 1.47 -21.36
C VAL F 99 17.74 2.75 -21.30
N VAL F 100 18.85 2.68 -20.57
CA VAL F 100 19.76 3.81 -20.38
C VAL F 100 21.18 3.30 -20.58
N LYS F 101 21.94 3.99 -21.43
CA LYS F 101 23.32 3.60 -21.73
C LYS F 101 24.24 4.79 -21.55
N GLY F 102 25.41 4.55 -20.97
CA GLY F 102 26.39 5.60 -20.79
C GLY F 102 27.57 5.09 -19.98
N LYS F 103 28.53 6.00 -19.80
CA LYS F 103 29.73 5.73 -19.01
C LYS F 103 29.66 6.51 -17.71
N VAL F 104 29.97 5.84 -16.60
CA VAL F 104 29.92 6.48 -15.29
C VAL F 104 31.02 7.52 -15.19
N VAL F 105 30.64 8.75 -14.84
CA VAL F 105 31.57 9.85 -14.68
C VAL F 105 31.63 10.35 -13.24
N ASP F 106 30.49 10.40 -12.56
CA ASP F 106 30.43 10.88 -11.19
C ASP F 106 29.29 10.17 -10.48
N TRP F 107 29.45 9.99 -9.17
CA TRP F 107 28.45 9.35 -8.33
C TRP F 107 28.00 10.29 -7.23
N ASP F 108 26.70 10.28 -6.94
CA ASP F 108 26.10 11.13 -5.93
C ASP F 108 25.17 10.29 -5.06
N THR F 109 24.71 10.89 -3.96
CA THR F 109 23.79 10.22 -3.05
C THR F 109 22.35 10.27 -3.52
N ARG F 110 22.07 10.95 -4.63
CA ARG F 110 20.69 11.06 -5.12
C ARG F 110 20.61 10.62 -6.58
N TYR F 111 21.66 10.87 -7.35
CA TYR F 111 21.68 10.58 -8.77
C TYR F 111 22.94 9.81 -9.14
N LEU F 112 22.86 9.07 -10.24
CA LEU F 112 24.01 8.43 -10.87
C LEU F 112 24.21 9.06 -12.24
N TYR F 113 25.41 9.58 -12.48
CA TYR F 113 25.69 10.36 -13.68
C TYR F 113 26.36 9.49 -14.73
N LEU F 114 25.81 9.50 -15.95
CA LEU F 114 26.36 8.76 -17.07
C LEU F 114 26.56 9.70 -18.25
N ARG F 115 27.56 9.40 -19.07
CA ARG F 115 27.86 10.19 -20.25
C ARG F 115 27.48 9.38 -21.49
N SER F 116 26.59 9.92 -22.30
CA SER F 116 26.09 9.23 -23.48
C SER F 116 27.12 9.32 -24.61
N SER F 117 26.79 8.67 -25.73
CA SER F 117 27.67 8.74 -26.90
C SER F 117 27.73 10.15 -27.45
N GLU F 118 26.60 10.87 -27.45
CA GLU F 118 26.55 12.24 -27.95
C GLU F 118 27.09 13.24 -26.94
N GLY F 119 27.37 12.82 -25.71
CA GLY F 119 27.87 13.72 -24.70
C GLY F 119 26.84 14.21 -23.69
N HIS F 120 25.59 13.77 -23.81
CA HIS F 120 24.57 14.18 -22.86
C HIS F 120 24.81 13.55 -21.50
N LEU F 121 24.42 14.27 -20.45
CA LEU F 121 24.57 13.81 -19.07
C LEU F 121 23.26 13.21 -18.61
N LEU F 122 23.31 11.95 -18.17
CA LEU F 122 22.13 11.21 -17.75
C LEU F 122 22.11 11.12 -16.23
N HIS F 123 20.97 11.44 -15.64
CA HIS F 123 20.79 11.41 -14.18
C HIS F 123 19.86 10.26 -13.85
N VAL F 124 20.43 9.13 -13.44
CA VAL F 124 19.67 7.93 -13.11
C VAL F 124 19.57 7.84 -11.59
N PRO F 125 18.37 7.85 -11.01
CA PRO F 125 18.25 7.72 -9.56
C PRO F 125 18.76 6.37 -9.07
N ASN F 126 19.30 6.37 -7.85
CA ASN F 126 19.83 5.13 -7.27
C ASN F 126 18.73 4.11 -7.06
N ASN F 127 17.50 4.56 -6.80
CA ASN F 127 16.37 3.63 -6.69
C ASN F 127 16.14 2.90 -8.00
N MET F 128 16.24 3.63 -9.13
CA MET F 128 16.12 2.98 -10.42
C MET F 128 17.27 2.00 -10.67
N VAL F 129 18.46 2.32 -10.15
CA VAL F 129 19.60 1.45 -10.35
C VAL F 129 19.45 0.15 -9.57
N LEU F 130 18.94 0.23 -8.34
CA LEU F 130 18.82 -0.96 -7.50
C LEU F 130 17.88 -1.99 -8.11
N ASN F 131 16.66 -1.57 -8.44
CA ASN F 131 15.65 -2.50 -8.97
C ASN F 131 15.62 -2.49 -10.49
N SER F 132 16.76 -2.81 -11.12
CA SER F 132 16.82 -2.92 -12.57
C SER F 132 18.01 -3.79 -12.93
N VAL F 133 17.97 -4.31 -14.16
CA VAL F 133 19.08 -5.12 -14.66
C VAL F 133 20.20 -4.19 -15.12
N VAL F 134 21.40 -4.43 -14.60
CA VAL F 134 22.58 -3.63 -14.92
C VAL F 134 23.47 -4.45 -15.84
N THR F 135 23.79 -3.89 -17.00
CA THR F 135 24.65 -4.53 -17.99
C THR F 135 25.98 -3.77 -18.03
N TRP F 136 27.07 -4.49 -17.75
CA TRP F 136 28.41 -3.89 -17.73
C TRP F 136 29.29 -4.62 -18.73
N GLU F 137 29.92 -3.88 -19.62
CA GLU F 137 30.79 -4.46 -20.63
C GLU F 137 32.13 -4.88 -20.02
N MET G 1 25.94 -12.01 24.48
CA MET G 1 24.73 -12.05 23.67
C MET G 1 25.06 -11.99 22.19
N LYS G 2 26.13 -11.25 21.86
CA LYS G 2 26.60 -11.19 20.48
C LYS G 2 27.05 -12.55 20.01
N ARG G 3 27.74 -13.31 20.86
CA ARG G 3 28.16 -14.66 20.50
C ARG G 3 26.94 -15.56 20.27
N PHE G 4 25.93 -15.45 21.13
CA PHE G 4 24.73 -16.25 20.95
C PHE G 4 24.03 -15.92 19.64
N PHE G 5 23.90 -14.63 19.32
CA PHE G 5 23.25 -14.25 18.07
C PHE G 5 24.05 -14.71 16.86
N ASN G 6 25.38 -14.60 16.93
CA ASN G 6 26.23 -15.07 15.83
C ASN G 6 26.08 -16.58 15.63
N ARG G 7 26.07 -17.35 16.73
CA ARG G 7 25.89 -18.79 16.62
C ARG G 7 24.52 -19.13 16.05
N PHE G 8 23.48 -18.41 16.47
CA PHE G 8 22.13 -18.64 15.94
C PHE G 8 22.09 -18.38 14.44
N TYR G 9 22.64 -17.24 14.01
CA TYR G 9 22.62 -16.91 12.58
C TYR G 9 23.42 -17.90 11.76
N LEU G 10 24.58 -18.33 12.29
CA LEU G 10 25.39 -19.32 11.57
C LEU G 10 24.67 -20.67 11.47
N ASP G 11 24.00 -21.09 12.56
CA ASP G 11 23.34 -22.38 12.55
C ASP G 11 22.14 -22.39 11.61
N THR G 12 21.29 -21.36 11.67
CA THR G 12 20.13 -21.33 10.80
C THR G 12 20.49 -20.97 9.36
N GLY G 13 21.71 -20.49 9.12
CA GLY G 13 22.12 -20.17 7.76
C GLY G 13 21.49 -18.93 7.17
N ILE G 14 20.87 -18.08 8.00
CA ILE G 14 20.26 -16.85 7.49
C ILE G 14 21.32 -15.94 6.89
N ILE G 15 22.44 -15.78 7.58
CA ILE G 15 23.55 -14.95 7.12
C ILE G 15 24.80 -15.80 7.08
N ALA G 16 25.49 -15.79 5.93
CA ALA G 16 26.72 -16.55 5.76
C ALA G 16 27.96 -15.68 5.72
N ASP G 17 27.84 -14.41 5.35
CA ASP G 17 28.99 -13.51 5.32
C ASP G 17 29.40 -13.17 6.74
N PRO G 18 30.66 -13.39 7.13
CA PRO G 18 31.06 -13.09 8.51
C PRO G 18 30.86 -11.64 8.91
N SER G 19 31.11 -10.69 8.00
CA SER G 19 30.94 -9.28 8.33
C SER G 19 29.47 -8.94 8.55
N GLN G 20 28.60 -9.38 7.64
CA GLN G 20 27.17 -9.13 7.80
C GLN G 20 26.64 -9.84 9.04
N ARG G 21 27.11 -11.06 9.30
CA ARG G 21 26.67 -11.78 10.49
C ARG G 21 27.08 -11.05 11.76
N SER G 22 28.32 -10.54 11.81
CA SER G 22 28.77 -9.80 12.99
C SER G 22 27.96 -8.52 13.18
N LEU G 23 27.72 -7.79 12.08
CA LEU G 23 26.94 -6.56 12.18
C LEU G 23 25.52 -6.84 12.67
N ALA G 24 24.88 -7.88 12.13
CA ALA G 24 23.53 -8.22 12.55
C ALA G 24 23.50 -8.68 14.00
N SER G 25 24.51 -9.44 14.42
CA SER G 25 24.58 -9.86 15.82
C SER G 25 24.71 -8.66 16.75
N ARG G 26 25.57 -7.70 16.38
CA ARG G 26 25.71 -6.49 17.19
C ARG G 26 24.40 -5.71 17.26
N VAL G 27 23.72 -5.57 16.11
CA VAL G 27 22.47 -4.83 16.08
C VAL G 27 21.42 -5.51 16.96
N SER G 28 21.30 -6.84 16.84
CA SER G 28 20.32 -7.57 17.62
C SER G 28 20.62 -7.49 19.12
N ALA G 29 21.90 -7.63 19.49
CA ALA G 29 22.27 -7.52 20.90
C ALA G 29 21.95 -6.14 21.44
N PHE G 30 22.25 -5.09 20.67
CA PHE G 30 21.93 -3.73 21.11
C PHE G 30 20.43 -3.55 21.27
N LEU G 31 19.64 -4.06 20.33
CA LEU G 31 18.19 -3.92 20.42
C LEU G 31 17.63 -4.65 21.64
N VAL G 32 18.11 -5.86 21.90
CA VAL G 32 17.62 -6.62 23.05
C VAL G 32 18.02 -5.94 24.35
N GLN G 33 19.26 -5.45 24.43
CA GLN G 33 19.69 -4.74 25.63
C GLN G 33 18.87 -3.48 25.85
N GLY G 34 18.59 -2.74 24.78
CA GLY G 34 17.75 -1.55 24.92
C GLY G 34 16.34 -1.88 25.38
N ALA G 35 15.76 -2.96 24.84
CA ALA G 35 14.43 -3.36 25.27
C ALA G 35 14.42 -3.76 26.74
N VAL G 36 15.43 -4.51 27.19
CA VAL G 36 15.51 -4.91 28.58
C VAL G 36 15.68 -3.69 29.49
N ALA G 37 16.53 -2.74 29.08
CA ALA G 37 16.73 -1.54 29.88
C ALA G 37 15.45 -0.72 29.96
N PHE G 38 14.72 -0.60 28.84
CA PHE G 38 13.46 0.13 28.87
C PHE G 38 12.44 -0.54 29.76
N SER G 39 12.36 -1.88 29.72
CA SER G 39 11.45 -2.58 30.60
C SER G 39 11.81 -2.37 32.07
N LEU G 40 13.10 -2.44 32.39
CA LEU G 40 13.53 -2.21 33.77
C LEU G 40 13.22 -0.78 34.22
N LEU G 41 13.43 0.19 33.34
CA LEU G 41 13.12 1.58 33.68
C LEU G 41 11.62 1.77 33.90
N GLY G 42 10.79 1.15 33.06
CA GLY G 42 9.36 1.25 33.23
C GLY G 42 8.82 0.51 34.44
N THR G 43 9.54 -0.52 34.90
CA THR G 43 9.09 -1.25 36.08
C THR G 43 9.10 -0.37 37.32
N ILE G 44 10.17 0.41 37.52
CA ILE G 44 10.30 1.20 38.75
C ILE G 44 9.39 2.42 38.76
N GLY G 45 8.82 2.81 37.63
CA GLY G 45 7.86 3.90 37.62
C GLY G 45 8.04 4.93 36.52
N VAL G 46 9.16 4.87 35.81
CA VAL G 46 9.43 5.84 34.76
C VAL G 46 8.47 5.61 33.60
N ASP G 47 7.86 6.69 33.12
CA ASP G 47 6.92 6.60 32.00
C ASP G 47 7.71 6.38 30.72
N THR G 48 7.64 5.17 30.18
CA THR G 48 8.39 4.79 28.99
C THR G 48 7.57 4.90 27.70
N SER G 49 6.36 5.44 27.77
CA SER G 49 5.54 5.58 26.57
C SER G 49 6.17 6.48 25.51
N PRO G 50 6.68 7.68 25.82
CA PRO G 50 7.34 8.47 24.76
C PRO G 50 8.54 7.78 24.16
N LEU G 51 9.35 7.09 24.98
CA LEU G 51 10.50 6.38 24.45
C LEU G 51 10.07 5.25 23.53
N ILE G 52 9.04 4.51 23.92
CA ILE G 52 8.52 3.43 23.08
C ILE G 52 8.00 3.99 21.76
N ALA G 53 7.27 5.10 21.81
CA ALA G 53 6.73 5.70 20.59
C ALA G 53 7.86 6.16 19.67
N ALA G 54 8.88 6.82 20.22
CA ALA G 54 9.99 7.29 19.39
C ALA G 54 10.75 6.11 18.78
N ALA G 55 11.00 5.06 19.57
CA ALA G 55 11.69 3.90 19.06
C ALA G 55 10.89 3.22 17.96
N GLY G 56 9.57 3.12 18.15
CA GLY G 56 8.73 2.51 17.13
C GLY G 56 8.71 3.31 15.85
N VAL G 57 8.64 4.64 15.96
CA VAL G 57 8.64 5.49 14.76
C VAL G 57 9.97 5.36 14.03
N THR G 58 11.08 5.38 14.77
CA THR G 58 12.39 5.25 14.13
C THR G 58 12.54 3.88 13.47
N GLY G 59 12.08 2.81 14.13
CA GLY G 59 12.15 1.49 13.54
C GLY G 59 11.31 1.37 12.30
N ALA G 60 10.10 1.94 12.33
CA ALA G 60 9.25 1.92 11.14
C ALA G 60 9.88 2.69 9.99
N THR G 61 10.50 3.83 10.28
CA THR G 61 11.19 4.58 9.24
C THR G 61 12.33 3.77 8.63
N ILE G 62 13.13 3.12 9.48
CA ILE G 62 14.26 2.34 8.98
C ILE G 62 13.77 1.16 8.16
N VAL G 63 12.71 0.49 8.61
CA VAL G 63 12.19 -0.66 7.89
C VAL G 63 11.63 -0.25 6.54
N PHE G 64 10.84 0.83 6.52
CA PHE G 64 10.24 1.28 5.27
C PHE G 64 11.28 1.81 4.29
N ALA G 65 12.36 2.41 4.80
CA ALA G 65 13.41 2.92 3.92
C ALA G 65 14.22 1.79 3.30
N CYS G 66 14.44 0.70 4.03
CA CYS G 66 15.24 -0.42 3.54
C CYS G 66 14.38 -1.56 3.02
N LYS G 67 13.19 -1.26 2.50
CA LYS G 67 12.27 -2.29 2.04
C LYS G 67 12.88 -3.09 0.89
N ASP G 68 13.47 -2.39 -0.09
CA ASP G 68 14.05 -3.09 -1.24
C ASP G 68 15.22 -3.97 -0.83
N PHE G 69 16.09 -3.46 0.06
CA PHE G 69 17.23 -4.25 0.52
C PHE G 69 16.77 -5.48 1.27
N GLY G 70 15.78 -5.33 2.16
CA GLY G 70 15.27 -6.47 2.89
C GLY G 70 14.62 -7.50 1.98
N THR G 71 13.84 -7.03 1.00
CA THR G 71 13.21 -7.94 0.06
C THR G 71 14.25 -8.70 -0.76
N ASN G 72 15.30 -8.01 -1.21
CA ASN G 72 16.36 -8.69 -1.96
C ASN G 72 17.08 -9.71 -1.09
N PHE G 73 17.34 -9.38 0.17
CA PHE G 73 18.00 -10.33 1.07
C PHE G 73 17.14 -11.56 1.29
N VAL G 74 15.84 -11.36 1.51
CA VAL G 74 14.94 -12.50 1.72
C VAL G 74 14.85 -13.35 0.44
N ALA G 75 14.83 -12.69 -0.72
CA ALA G 75 14.81 -13.43 -1.98
C ALA G 75 16.06 -14.27 -2.15
N SER G 76 17.23 -13.70 -1.80
CA SER G 76 18.47 -14.47 -1.86
C SER G 76 18.43 -15.64 -0.90
N ILE G 77 17.88 -15.43 0.29
CA ILE G 77 17.78 -16.52 1.28
C ILE G 77 16.91 -17.65 0.73
N VAL G 78 15.76 -17.29 0.15
CA VAL G 78 14.83 -18.30 -0.34
C VAL G 78 15.39 -19.03 -1.55
N LEU G 79 16.00 -18.29 -2.49
CA LEU G 79 16.46 -18.89 -3.74
C LEU G 79 17.69 -19.78 -3.57
N SER G 80 18.31 -19.79 -2.39
CA SER G 80 19.49 -20.61 -2.19
C SER G 80 19.12 -22.09 -2.28
N GLY G 81 19.94 -22.86 -2.99
CA GLY G 81 19.72 -24.28 -3.18
C GLY G 81 18.95 -24.63 -4.44
N GLN G 82 18.46 -23.64 -5.17
CA GLN G 82 17.74 -23.91 -6.41
C GLN G 82 18.64 -24.59 -7.43
N GLN G 83 18.12 -25.66 -8.04
CA GLN G 83 18.90 -26.41 -9.01
C GLN G 83 19.06 -25.68 -10.33
N SER G 84 18.07 -24.89 -10.74
CA SER G 84 18.15 -24.19 -12.01
C SER G 84 19.24 -23.11 -12.00
N ILE G 85 19.48 -22.50 -10.84
CA ILE G 85 20.48 -21.44 -10.71
C ILE G 85 21.75 -22.09 -10.17
N ARG G 86 22.62 -22.49 -11.08
CA ARG G 86 23.91 -23.07 -10.73
C ARG G 86 24.97 -22.52 -11.69
N THR G 87 26.22 -22.56 -11.24
CA THR G 87 27.32 -22.07 -12.05
C THR G 87 27.42 -22.86 -13.35
N GLY G 88 27.56 -22.14 -14.46
CA GLY G 88 27.64 -22.75 -15.76
C GLY G 88 26.31 -23.11 -16.40
N ASN G 89 25.20 -22.76 -15.76
CA ASN G 89 23.88 -23.09 -16.29
C ASN G 89 23.33 -21.91 -17.09
N LEU G 90 22.86 -22.18 -18.29
CA LEU G 90 22.28 -21.16 -19.15
C LEU G 90 20.81 -20.99 -18.80
N VAL G 91 20.45 -19.81 -18.28
CA VAL G 91 19.09 -19.55 -17.82
C VAL G 91 18.58 -18.29 -18.48
N CYS G 92 17.26 -18.18 -18.55
CA CYS G 92 16.57 -17.03 -19.12
C CYS G 92 15.53 -16.54 -18.13
N ILE G 93 15.55 -15.24 -17.83
CA ILE G 93 14.68 -14.66 -16.82
C ILE G 93 13.82 -13.59 -17.49
N GLY G 94 12.51 -13.65 -17.23
CA GLY G 94 11.57 -12.70 -17.77
C GLY G 94 10.79 -13.25 -18.95
N THR G 95 9.72 -12.52 -19.29
CA THR G 95 8.86 -12.88 -20.40
C THR G 95 8.56 -11.63 -21.22
N GLY G 96 8.52 -11.79 -22.54
CA GLY G 96 8.22 -10.69 -23.43
C GLY G 96 9.41 -9.80 -23.73
N LEU G 97 9.17 -8.48 -23.80
CA LEU G 97 10.26 -7.55 -24.08
C LEU G 97 11.26 -7.51 -22.93
N ASN G 98 10.79 -7.58 -21.69
CA ASN G 98 11.65 -7.56 -20.51
C ASN G 98 12.19 -8.97 -20.26
N VAL G 99 13.18 -9.34 -21.07
CA VAL G 99 13.78 -10.67 -20.99
C VAL G 99 15.28 -10.51 -20.79
N VAL G 100 15.86 -11.47 -20.06
CA VAL G 100 17.27 -11.49 -19.74
C VAL G 100 17.80 -12.90 -19.99
N LYS G 101 18.89 -13.00 -20.75
CA LYS G 101 19.48 -14.29 -21.09
C LYS G 101 20.98 -14.28 -20.78
N GLY G 102 21.46 -15.38 -20.23
CA GLY G 102 22.86 -15.50 -19.92
C GLY G 102 23.15 -16.79 -19.17
N LYS G 103 24.43 -16.98 -18.88
CA LYS G 103 24.91 -18.14 -18.13
C LYS G 103 25.34 -17.70 -16.74
N VAL G 104 24.91 -18.44 -15.72
CA VAL G 104 25.25 -18.09 -14.35
C VAL G 104 26.74 -18.30 -14.12
N VAL G 105 27.42 -17.27 -13.63
CA VAL G 105 28.84 -17.33 -13.34
C VAL G 105 29.12 -17.16 -11.85
N ASP G 106 28.38 -16.28 -11.17
CA ASP G 106 28.59 -16.05 -9.75
C ASP G 106 27.26 -15.65 -9.13
N TRP G 107 27.10 -15.98 -7.85
CA TRP G 107 25.90 -15.67 -7.10
C TRP G 107 26.23 -14.80 -5.89
N ASP G 108 25.38 -13.82 -5.61
CA ASP G 108 25.57 -12.90 -4.51
C ASP G 108 24.25 -12.76 -3.75
N THR G 109 24.32 -12.12 -2.59
CA THR G 109 23.14 -11.89 -1.76
C THR G 109 22.32 -10.70 -2.23
N ARG G 110 22.77 -9.96 -3.25
CA ARG G 110 22.03 -8.80 -3.72
C ARG G 110 21.78 -8.89 -5.22
N TYR G 111 22.71 -9.51 -5.96
CA TYR G 111 22.62 -9.60 -7.41
C TYR G 111 22.87 -11.03 -7.86
N LEU G 112 22.33 -11.35 -9.04
CA LEU G 112 22.63 -12.60 -9.73
C LEU G 112 23.38 -12.26 -11.02
N TYR G 113 24.55 -12.85 -11.20
CA TYR G 113 25.44 -12.50 -12.30
C TYR G 113 25.28 -13.49 -13.44
N LEU G 114 25.07 -12.97 -14.65
CA LEU G 114 24.94 -13.77 -15.85
C LEU G 114 25.90 -13.24 -16.91
N ARG G 115 26.39 -14.15 -17.75
CA ARG G 115 27.30 -13.81 -18.83
C ARG G 115 26.55 -13.93 -20.16
N SER G 116 26.48 -12.84 -20.90
CA SER G 116 25.74 -12.80 -22.16
C SER G 116 26.56 -13.45 -23.27
N SER G 117 25.96 -13.53 -24.46
CA SER G 117 26.67 -14.08 -25.61
C SER G 117 27.85 -13.20 -25.99
N GLU G 118 27.69 -11.88 -25.91
CA GLU G 118 28.76 -10.95 -26.24
C GLU G 118 29.79 -10.81 -25.12
N GLY G 119 29.53 -11.38 -23.95
CA GLY G 119 30.44 -11.29 -22.83
C GLY G 119 30.07 -10.26 -21.78
N HIS G 120 28.95 -9.55 -21.95
CA HIS G 120 28.54 -8.57 -20.96
C HIS G 120 28.08 -9.25 -19.68
N LEU G 121 28.29 -8.57 -18.56
CA LEU G 121 27.90 -9.07 -17.24
C LEU G 121 26.57 -8.47 -16.86
N LEU G 122 25.59 -9.32 -16.58
CA LEU G 122 24.24 -8.90 -16.24
C LEU G 122 24.01 -9.05 -14.75
N HIS G 123 23.49 -8.01 -14.12
CA HIS G 123 23.21 -8.00 -12.68
C HIS G 123 21.71 -8.02 -12.49
N VAL G 124 21.16 -9.19 -12.22
CA VAL G 124 19.72 -9.38 -12.03
C VAL G 124 19.45 -9.46 -10.53
N PRO G 125 18.65 -8.57 -9.96
CA PRO G 125 18.33 -8.66 -8.53
C PRO G 125 17.57 -9.94 -8.21
N ASN G 126 17.80 -10.45 -6.99
CA ASN G 126 17.12 -11.67 -6.57
C ASN G 126 15.61 -11.48 -6.48
N ASN G 127 15.17 -10.26 -6.17
CA ASN G 127 13.74 -9.97 -6.17
C ASN G 127 13.14 -10.14 -7.57
N MET G 128 13.86 -9.69 -8.60
CA MET G 128 13.41 -9.91 -9.96
C MET G 128 13.41 -11.39 -10.32
N VAL G 129 14.35 -12.15 -9.77
CA VAL G 129 14.42 -13.58 -10.06
C VAL G 129 13.25 -14.33 -9.44
N LEU G 130 12.88 -13.96 -8.21
CA LEU G 130 11.80 -14.68 -7.52
C LEU G 130 10.47 -14.55 -8.25
N ASN G 131 10.06 -13.32 -8.53
CA ASN G 131 8.77 -13.08 -9.17
C ASN G 131 8.89 -12.93 -10.68
N SER G 132 9.41 -13.96 -11.34
CA SER G 132 9.51 -13.98 -12.79
C SER G 132 9.61 -15.42 -13.25
N VAL G 133 9.31 -15.63 -14.54
CA VAL G 133 9.43 -16.95 -15.13
C VAL G 133 10.89 -17.23 -15.46
N VAL G 134 11.42 -18.34 -14.98
CA VAL G 134 12.80 -18.73 -15.19
C VAL G 134 12.82 -19.86 -16.20
N THR G 135 13.57 -19.68 -17.29
CA THR G 135 13.70 -20.68 -18.34
C THR G 135 15.12 -21.23 -18.30
N TRP G 136 15.24 -22.55 -18.10
CA TRP G 136 16.53 -23.22 -18.01
C TRP G 136 16.60 -24.29 -19.08
N GLU G 137 17.68 -24.24 -19.87
CA GLU G 137 17.87 -25.21 -20.95
C GLU G 137 18.33 -26.57 -20.38
#